data_6OS9
#
_entry.id   6OS9
#
_cell.length_a   1.00
_cell.length_b   1.00
_cell.length_c   1.00
_cell.angle_alpha   90.00
_cell.angle_beta   90.00
_cell.angle_gamma   90.00
#
_symmetry.space_group_name_H-M   'P 1'
#
loop_
_entity.id
_entity.type
_entity.pdbx_description
1 polymer 'Neurotensin receptor type 1'
2 polymer JMV449
3 polymer 'Guanine nucleotide-binding protein G(i) subunit alpha-1'
4 polymer 'Guanine nucleotide-binding protein G(I)/G(S)/G(T) subunit beta-1'
5 polymer 'Guanine nucleotide-binding protein G(I)/G(S)/G(O) subunit gamma-2'
6 polymer scFv16
#
loop_
_entity_poly.entity_id
_entity_poly.type
_entity_poly.pdbx_seq_one_letter_code
_entity_poly.pdbx_strand_id
1 'polypeptide(L)'
;DYKDDDDAMGQPGNGSAFLLAPNRSHAPDHDVENLYFQGQRAQAGLEEALLAPGFGNASGNASERVLAAPSSELDVNTDI
YSKVLVTAVYLALFVVGTVGNTVTLFTLARKKSLQSLQSTVHYHLGSLALSDLLTLLLAMPVELYNFIWVHHPWAFGDAG
CRGYYFLRDACTYATALNVASLSVERYLAICHPFKAKTLMSRSRTKKFISAIWLASALLAVPMLFTMGEQNRSADGQHAG
GLVCTPTIHTATVKVVIQVNTFMSFIFPMVVISVLNTIIANKLTVMVRQAAEQGQVCTVGGPGRVQALRHGVRVLRAVVI
AFVVCWLPYHVRRLMFCYISDEQWTPFLYDFYHYFYMVTNALFYVSSTINPILYNLVSANFRHIFLATLACLCPVWRRRR
KRPAFSRKADSVSSNHTLSSNATRETLYLEVLFQG
;
R
2 'polypeptide(L)' KKPYIL L
3 'polypeptide(L)'
;MGCTLSAEDKAAVERSKMIDRNLREDGEKAAREVKLLLLGAGESGKSTIVKQMKIIHEAGYSEEECKQYKAVVYSNTIQS
IIAIIRAMGRLKIDFGDSARADDARQLFVLAGAAEEGFMTAELAGVIKRLWKDSGVQACFNRSREYQLNDSAAYYLNDLD
RIAQPNYIPTQQDVLRTRVKTTGIVETHFTFKDLHFKMFDVGGQRSERKKWIHCFEGVTAIIFCVALSDYDLVLAEDEEM
NRMHESMKLFDSICNNKWFTDTSIILFLNKKDLFEEKIKKSPLTICYPEYAGSNTYEEAAAYIQCQFEDLNKRKDTKEIY
THFTCATDTKNVQFVFDAVTDVIIKNNLKDCGLF
;
A
4 'polypeptide(L)'
;PGSSGSELDQLRQEAEQLKNQIRDARKACADATLSQITNNIDPVGRIQMRTRRTLRGHLAKIYAMHWGTDSRLLVSASQD
GKLIIWDSYTTNKVHAIPLRSSWVMTCAYAPSGNYVACGGLDNICSIYNLKTREGNVRVSRELAGHTGYLSCCRFLDDNQ
IVTSSGDTTCALWDIETGQQTTTFTGHTGDVMSLSLAPDTRLFVSGACDASAKLWDVREGMCRQTFTGHESDINAICFFP
NGNAFATGSDDATCRLFDLRADQELMTYSHDNIICGITSVSFSKSGRLLLAGYDDFNCNVWDALKADRAGVLAGHDNRVS
CLGVTDDGMAVATGSWDSFLKIWN
;
B
5 'polypeptide(L)' MASNNTASIAQARKLVEQLKMEANIDRIKVSKAAADLMAYCEAHAKEDPLLTPVPASENPFREKKFFCAIL C
6 'polypeptide(L)'
;DVQLVESGGGLVQPGGSRKLSCSASGFAFSSFGMHWVRQAPEKGLEWVAYISSGSGTIYYADTVKGRFTISRDDPKNTLF
LQMTSLRSEDTAMYYCVRSIYYYGSSPFDFWGQGTTLTVSSGGGGSGGGGSGGGGSDIVMTQATSSVPVTPGESVSISCR
SSKSLLHSNGNTYLYWFLQRPGQSPQLLIYRMSNLASGVPDRFSGSGSGTAFTLTISRLEAEDVGVYYCMQHLEYPLTFG
AGTKLELKAAAHHHHHHHH
;
D
#
# COMPACT_ATOMS: atom_id res chain seq x y z
N PRO A 70 48.35 -33.22 38.16
CA PRO A 70 47.09 -32.56 38.45
C PRO A 70 45.93 -33.10 37.61
N SER A 71 45.31 -32.24 36.80
CA SER A 71 44.28 -32.62 35.86
C SER A 71 44.81 -32.58 34.42
N SER A 72 46.08 -32.94 34.25
CA SER A 72 46.79 -32.74 32.99
C SER A 72 46.52 -33.82 31.96
N GLU A 73 45.67 -34.80 32.26
CA GLU A 73 45.33 -35.80 31.26
C GLU A 73 44.42 -35.22 30.17
N LEU A 74 43.66 -34.19 30.50
CA LEU A 74 42.73 -33.60 29.54
C LEU A 74 43.40 -32.63 28.59
N ASP A 75 44.70 -32.44 28.69
CA ASP A 75 45.42 -31.58 27.77
C ASP A 75 45.47 -32.21 26.40
N VAL A 76 45.10 -31.44 25.38
CA VAL A 76 45.12 -31.90 24.00
C VAL A 76 46.32 -31.28 23.33
N ASN A 77 47.25 -32.12 22.89
CA ASN A 77 48.50 -31.67 22.27
C ASN A 77 48.28 -31.48 20.78
N THR A 78 47.92 -30.27 20.38
CA THR A 78 47.77 -29.92 18.98
C THR A 78 48.96 -29.09 18.53
N ASP A 79 49.20 -29.09 17.22
CA ASP A 79 50.19 -28.18 16.65
C ASP A 79 49.74 -26.75 16.81
N ILE A 80 50.60 -25.93 17.42
CA ILE A 80 50.27 -24.52 17.65
C ILE A 80 50.16 -23.78 16.33
N TYR A 81 50.90 -24.20 15.31
CA TYR A 81 50.75 -23.61 13.99
C TYR A 81 49.42 -23.98 13.35
N SER A 82 48.90 -25.18 13.64
CA SER A 82 47.57 -25.54 13.16
C SER A 82 46.49 -24.70 13.84
N LYS A 83 46.67 -24.41 15.13
CA LYS A 83 45.72 -23.54 15.83
C LYS A 83 45.76 -22.13 15.28
N VAL A 84 46.95 -21.62 14.97
CA VAL A 84 47.08 -20.29 14.37
C VAL A 84 46.43 -20.26 12.99
N LEU A 85 46.62 -21.33 12.20
CA LEU A 85 46.08 -21.34 10.84
C LEU A 85 44.57 -21.46 10.84
N VAL A 86 44.00 -22.26 11.75
CA VAL A 86 42.55 -22.33 11.79
C VAL A 86 41.96 -21.09 12.46
N THR A 87 42.74 -20.38 13.29
CA THR A 87 42.30 -19.08 13.76
C THR A 87 42.19 -18.10 12.61
N ALA A 88 43.16 -18.16 11.68
CA ALA A 88 43.12 -17.31 10.50
C ALA A 88 41.94 -17.63 9.61
N VAL A 89 41.70 -18.93 9.35
CA VAL A 89 40.58 -19.35 8.52
C VAL A 89 39.26 -18.98 9.17
N TYR A 90 39.18 -19.11 10.50
CA TYR A 90 37.94 -18.82 11.19
C TYR A 90 37.65 -17.33 11.23
N LEU A 91 38.67 -16.49 11.44
CA LEU A 91 38.43 -15.05 11.42
C LEU A 91 38.09 -14.55 10.02
N ALA A 92 38.71 -15.15 8.98
CA ALA A 92 38.34 -14.79 7.63
C ALA A 92 36.91 -15.19 7.32
N LEU A 93 36.49 -16.40 7.72
CA LEU A 93 35.11 -16.81 7.55
C LEU A 93 34.17 -15.96 8.39
N PHE A 94 34.63 -15.48 9.55
CA PHE A 94 33.82 -14.61 10.39
C PHE A 94 33.49 -13.32 9.66
N VAL A 95 34.51 -12.62 9.17
CA VAL A 95 34.24 -11.32 8.53
C VAL A 95 33.50 -11.50 7.22
N VAL A 96 33.80 -12.55 6.45
CA VAL A 96 33.13 -12.73 5.16
C VAL A 96 31.67 -13.13 5.35
N GLY A 97 31.40 -14.04 6.27
CA GLY A 97 30.01 -14.48 6.48
C GLY A 97 29.15 -13.41 7.12
N THR A 98 29.70 -12.68 8.11
CA THR A 98 28.93 -11.61 8.72
C THR A 98 28.65 -10.48 7.74
N VAL A 99 29.66 -10.07 6.95
CA VAL A 99 29.45 -9.01 5.98
C VAL A 99 28.46 -9.44 4.90
N GLY A 100 28.60 -10.66 4.40
CA GLY A 100 27.70 -11.13 3.35
C GLY A 100 26.26 -11.28 3.81
N ASN A 101 26.06 -11.82 5.02
CA ASN A 101 24.70 -12.05 5.47
C ASN A 101 24.03 -10.76 5.93
N THR A 102 24.79 -9.84 6.54
CA THR A 102 24.20 -8.55 6.90
C THR A 102 23.89 -7.72 5.66
N VAL A 103 24.71 -7.83 4.61
CA VAL A 103 24.39 -7.12 3.38
C VAL A 103 23.19 -7.77 2.67
N THR A 104 23.01 -9.08 2.80
CA THR A 104 21.83 -9.71 2.22
C THR A 104 20.54 -9.31 2.94
N LEU A 105 20.59 -9.28 4.28
CA LEU A 105 19.43 -8.82 5.04
C LEU A 105 19.15 -7.34 4.80
N PHE A 106 20.22 -6.54 4.69
CA PHE A 106 20.09 -5.12 4.36
C PHE A 106 19.53 -4.94 2.96
N THR A 107 19.89 -5.83 2.03
CA THR A 107 19.44 -5.70 0.66
C THR A 107 17.97 -6.04 0.53
N LEU A 108 17.54 -7.12 1.17
CA LEU A 108 16.13 -7.45 1.14
C LEU A 108 15.30 -6.57 2.07
N ALA A 109 15.94 -5.78 2.95
CA ALA A 109 15.21 -4.84 3.77
C ALA A 109 15.05 -3.48 3.09
N ARG A 110 16.09 -3.01 2.38
CA ARG A 110 15.96 -1.76 1.65
C ARG A 110 15.09 -1.93 0.41
N LYS A 111 15.26 -3.04 -0.30
CA LYS A 111 14.41 -3.38 -1.44
C LYS A 111 13.13 -3.99 -0.91
N LYS A 112 12.04 -3.24 -1.00
CA LYS A 112 10.72 -3.74 -0.64
C LYS A 112 9.74 -3.58 -1.78
N SER A 113 10.21 -3.25 -2.99
CA SER A 113 9.33 -3.07 -4.15
C SER A 113 9.07 -4.41 -4.83
N LEU A 114 8.47 -5.32 -4.06
CA LEU A 114 8.17 -6.68 -4.49
C LEU A 114 6.82 -7.06 -3.92
N GLN A 115 5.75 -6.81 -4.67
CA GLN A 115 4.42 -7.13 -4.20
C GLN A 115 3.95 -8.51 -4.63
N SER A 116 4.43 -8.98 -5.78
CA SER A 116 3.99 -10.23 -6.37
C SER A 116 4.62 -11.44 -5.68
N LEU A 117 4.57 -12.60 -6.34
CA LEU A 117 5.02 -13.86 -5.76
C LEU A 117 6.54 -13.95 -5.58
N GLN A 118 7.28 -12.93 -6.01
CA GLN A 118 8.68 -12.81 -5.66
C GLN A 118 8.90 -12.62 -4.17
N SER A 119 7.95 -11.99 -3.48
CA SER A 119 8.15 -11.57 -2.09
C SER A 119 8.32 -12.75 -1.15
N THR A 120 7.64 -13.86 -1.43
CA THR A 120 7.75 -15.04 -0.59
C THR A 120 9.16 -15.63 -0.66
N VAL A 121 9.73 -15.68 -1.86
CA VAL A 121 11.08 -16.16 -2.03
C VAL A 121 12.08 -15.18 -1.41
N HIS A 122 11.74 -13.88 -1.42
CA HIS A 122 12.56 -12.91 -0.69
C HIS A 122 12.54 -13.20 0.81
N TYR A 123 11.40 -13.63 1.33
CA TYR A 123 11.33 -13.98 2.76
C TYR A 123 12.16 -15.21 3.08
N HIS A 124 12.12 -16.24 2.22
CA HIS A 124 12.92 -17.44 2.52
C HIS A 124 14.41 -17.17 2.43
N LEU A 125 14.84 -16.39 1.43
CA LEU A 125 16.25 -16.02 1.34
C LEU A 125 16.69 -15.18 2.53
N GLY A 126 15.81 -14.31 3.02
CA GLY A 126 16.12 -13.56 4.23
C GLY A 126 16.21 -14.44 5.46
N SER A 127 15.36 -15.47 5.53
CA SER A 127 15.42 -16.39 6.66
C SER A 127 16.70 -17.21 6.64
N LEU A 128 17.14 -17.64 5.45
CA LEU A 128 18.39 -18.39 5.34
C LEU A 128 19.58 -17.53 5.71
N ALA A 129 19.60 -16.26 5.29
CA ALA A 129 20.67 -15.35 5.69
C ALA A 129 20.64 -15.09 7.19
N LEU A 130 19.43 -15.04 7.78
CA LEU A 130 19.33 -14.84 9.22
C LEU A 130 19.89 -16.02 10.00
N SER A 131 19.54 -17.24 9.58
CA SER A 131 20.00 -18.43 10.29
C SER A 131 21.50 -18.60 10.16
N ASP A 132 22.07 -18.23 9.00
CA ASP A 132 23.51 -18.37 8.84
C ASP A 132 24.27 -17.33 9.67
N LEU A 133 23.73 -16.11 9.74
CA LEU A 133 24.34 -15.11 10.63
C LEU A 133 24.26 -15.54 12.09
N LEU A 134 23.17 -16.22 12.45
CA LEU A 134 23.04 -16.68 13.83
C LEU A 134 24.00 -17.81 14.15
N THR A 135 24.13 -18.82 13.25
CA THR A 135 25.14 -19.87 13.38
C THR A 135 26.50 -19.29 13.61
N LEU A 136 26.87 -18.34 12.75
CA LEU A 136 28.22 -17.82 12.76
C LEU A 136 28.48 -17.00 14.04
N LEU A 137 27.65 -15.97 14.28
CA LEU A 137 27.86 -15.08 15.42
C LEU A 137 27.68 -15.76 16.77
N LEU A 138 26.81 -16.77 16.87
CA LEU A 138 26.70 -17.44 18.16
C LEU A 138 27.81 -18.46 18.35
N ALA A 139 27.91 -19.45 17.46
CA ALA A 139 28.77 -20.59 17.73
C ALA A 139 30.25 -20.24 17.59
N MET A 140 30.62 -19.48 16.54
CA MET A 140 32.01 -19.20 16.19
C MET A 140 32.91 -18.65 17.31
N PRO A 141 32.57 -17.53 18.04
CA PRO A 141 33.57 -16.98 18.98
C PRO A 141 33.74 -17.79 20.25
N VAL A 142 32.68 -18.49 20.68
CA VAL A 142 32.79 -19.36 21.84
C VAL A 142 33.58 -20.60 21.47
N GLU A 143 33.34 -21.14 20.27
CA GLU A 143 34.00 -22.35 19.82
C GLU A 143 35.49 -22.15 19.66
N LEU A 144 35.92 -20.95 19.21
CA LEU A 144 37.34 -20.62 19.16
C LEU A 144 38.02 -20.80 20.52
N TYR A 145 37.61 -20.00 21.50
CA TYR A 145 38.31 -19.98 22.77
C TYR A 145 38.13 -21.27 23.56
N ASN A 146 37.00 -21.94 23.43
CA ASN A 146 36.76 -23.10 24.29
C ASN A 146 36.85 -24.44 23.57
N PHE A 147 37.26 -24.47 22.32
CA PHE A 147 37.55 -25.76 21.75
C PHE A 147 38.87 -25.77 20.99
N ILE A 148 39.28 -24.64 20.42
CA ILE A 148 40.52 -24.62 19.66
C ILE A 148 41.71 -24.39 20.57
N TRP A 149 41.64 -23.35 21.41
CA TRP A 149 42.76 -22.97 22.25
C TRP A 149 42.69 -23.63 23.63
N VAL A 150 41.65 -23.32 24.40
CA VAL A 150 41.48 -23.83 25.75
C VAL A 150 40.55 -25.04 25.67
N HIS A 151 41.12 -26.23 25.82
CA HIS A 151 40.30 -27.43 25.82
C HIS A 151 39.67 -27.67 27.19
N HIS A 152 40.31 -27.21 28.25
CA HIS A 152 39.81 -27.30 29.60
C HIS A 152 40.49 -26.23 30.43
N PRO A 153 39.82 -25.65 31.43
CA PRO A 153 38.45 -25.90 31.90
C PRO A 153 37.40 -25.17 31.08
N TRP A 154 36.22 -25.79 30.96
CA TRP A 154 35.08 -25.12 30.37
C TRP A 154 34.66 -23.96 31.26
N ALA A 155 34.65 -22.74 30.71
CA ALA A 155 34.51 -21.56 31.55
C ALA A 155 33.06 -21.26 31.95
N PHE A 156 32.08 -21.86 31.29
CA PHE A 156 30.74 -21.28 31.27
C PHE A 156 29.72 -22.07 32.06
N GLY A 157 30.09 -23.18 32.67
CA GLY A 157 29.17 -23.85 33.55
C GLY A 157 28.13 -24.72 32.85
N ASP A 158 27.23 -25.25 33.69
CA ASP A 158 26.30 -26.28 33.25
C ASP A 158 25.25 -25.72 32.29
N ALA A 159 24.52 -24.69 32.72
CA ALA A 159 23.58 -24.02 31.82
C ALA A 159 24.28 -23.34 30.66
N GLY A 160 25.55 -22.98 30.81
CA GLY A 160 26.32 -22.48 29.69
C GLY A 160 26.50 -23.52 28.59
N CYS A 161 26.88 -24.75 28.98
CA CYS A 161 26.96 -25.86 28.03
C CYS A 161 25.62 -26.15 27.38
N ARG A 162 24.56 -26.21 28.19
CA ARG A 162 23.25 -26.56 27.68
C ARG A 162 22.74 -25.51 26.70
N GLY A 163 22.94 -24.23 27.02
CA GLY A 163 22.48 -23.18 26.14
C GLY A 163 23.32 -23.04 24.89
N TYR A 164 24.63 -23.28 25.00
CA TYR A 164 25.49 -23.20 23.83
C TYR A 164 25.16 -24.28 22.82
N TYR A 165 25.01 -25.53 23.28
CA TYR A 165 24.66 -26.56 22.32
C TYR A 165 23.21 -26.44 21.86
N PHE A 166 22.34 -25.83 22.67
CA PHE A 166 20.98 -25.57 22.20
C PHE A 166 20.96 -24.55 21.07
N LEU A 167 21.69 -23.44 21.23
CA LEU A 167 21.72 -22.42 20.19
C LEU A 167 22.40 -22.93 18.94
N ARG A 168 23.51 -23.67 19.11
CA ARG A 168 24.24 -24.22 17.97
C ARG A 168 23.36 -25.16 17.16
N ASP A 169 22.66 -26.07 17.82
CA ASP A 169 21.89 -27.02 17.04
C ASP A 169 20.57 -26.45 16.56
N ALA A 170 19.98 -25.48 17.26
CA ALA A 170 18.78 -24.84 16.73
C ALA A 170 19.11 -24.03 15.48
N CYS A 171 20.27 -23.39 15.46
CA CYS A 171 20.68 -22.68 14.26
C CYS A 171 21.05 -23.63 13.13
N THR A 172 21.64 -24.78 13.44
CA THR A 172 21.94 -25.78 12.41
C THR A 172 20.67 -26.37 11.79
N TYR A 173 19.67 -26.70 12.62
CA TYR A 173 18.40 -27.15 12.08
C TYR A 173 17.70 -26.05 11.30
N ALA A 174 17.88 -24.79 11.73
CA ALA A 174 17.32 -23.68 10.98
C ALA A 174 17.92 -23.57 9.60
N THR A 175 19.23 -23.77 9.48
CA THR A 175 19.88 -23.69 8.18
C THR A 175 19.45 -24.83 7.26
N ALA A 176 19.42 -26.06 7.78
CA ALA A 176 19.03 -27.20 6.97
C ALA A 176 17.57 -27.11 6.54
N LEU A 177 16.69 -26.63 7.42
CA LEU A 177 15.30 -26.53 7.02
C LEU A 177 15.02 -25.30 6.17
N ASN A 178 15.80 -24.22 6.30
CA ASN A 178 15.70 -23.11 5.37
C ASN A 178 16.06 -23.53 3.97
N VAL A 179 17.16 -24.27 3.82
CA VAL A 179 17.60 -24.74 2.51
C VAL A 179 16.60 -25.71 1.90
N ALA A 180 16.08 -26.64 2.72
CA ALA A 180 15.09 -27.58 2.21
C ALA A 180 13.78 -26.90 1.82
N SER A 181 13.31 -25.97 2.64
CA SER A 181 12.07 -25.25 2.37
C SER A 181 12.21 -24.36 1.13
N LEU A 182 13.38 -23.74 0.97
CA LEU A 182 13.66 -22.93 -0.21
C LEU A 182 13.64 -23.77 -1.48
N SER A 183 14.11 -25.01 -1.38
CA SER A 183 14.03 -25.86 -2.56
C SER A 183 12.62 -26.30 -2.87
N VAL A 184 11.78 -26.52 -1.84
CA VAL A 184 10.38 -26.86 -2.09
C VAL A 184 9.67 -25.67 -2.74
N GLU A 185 10.03 -24.46 -2.31
CA GLU A 185 9.44 -23.25 -2.87
C GLU A 185 9.83 -23.05 -4.32
N ARG A 186 11.09 -23.32 -4.68
CA ARG A 186 11.50 -23.23 -6.08
C ARG A 186 10.86 -24.31 -6.94
N TYR A 187 10.71 -25.53 -6.40
CA TYR A 187 10.05 -26.58 -7.16
C TYR A 187 8.60 -26.23 -7.47
N LEU A 188 7.89 -25.65 -6.50
CA LEU A 188 6.56 -25.14 -6.79
C LEU A 188 6.60 -24.02 -7.81
N ALA A 189 7.50 -23.06 -7.63
CA ALA A 189 7.50 -21.85 -8.45
C ALA A 189 7.91 -22.10 -9.88
N ILE A 190 8.58 -23.23 -10.16
CA ILE A 190 9.11 -23.48 -11.49
C ILE A 190 8.43 -24.66 -12.16
N CYS A 191 8.14 -25.73 -11.43
CA CYS A 191 7.61 -26.91 -12.11
C CYS A 191 6.09 -26.99 -12.09
N HIS A 192 5.42 -26.27 -11.18
CA HIS A 192 3.97 -26.09 -11.24
C HIS A 192 3.69 -24.62 -11.07
N PRO A 193 3.89 -23.82 -12.12
CA PRO A 193 3.88 -22.36 -11.94
C PRO A 193 2.50 -21.80 -11.67
N PHE A 194 1.45 -22.38 -12.26
CA PHE A 194 0.10 -21.91 -12.00
C PHE A 194 -0.38 -22.35 -10.63
N LYS A 195 -0.13 -23.61 -10.27
CA LYS A 195 -0.55 -24.12 -8.97
C LYS A 195 0.18 -23.44 -7.84
N ALA A 196 1.40 -22.96 -8.08
CA ALA A 196 2.08 -22.14 -7.09
C ALA A 196 1.62 -20.70 -7.13
N LYS A 197 1.13 -20.23 -8.28
CA LYS A 197 0.54 -18.90 -8.34
C LYS A 197 -0.72 -18.83 -7.50
N THR A 198 -1.58 -19.85 -7.58
CA THR A 198 -2.82 -19.82 -6.81
C THR A 198 -2.57 -20.05 -5.32
N LEU A 199 -1.53 -20.79 -4.97
CA LEU A 199 -1.23 -21.05 -3.58
C LEU A 199 -0.47 -19.93 -2.91
N MET A 200 0.07 -18.99 -3.69
CA MET A 200 0.93 -17.95 -3.14
C MET A 200 0.14 -16.94 -2.34
N SER A 201 0.55 -16.77 -1.08
CA SER A 201 0.06 -15.70 -0.24
C SER A 201 1.14 -15.43 0.79
N ARG A 202 1.28 -14.16 1.16
CA ARG A 202 2.32 -13.77 2.08
C ARG A 202 2.06 -14.29 3.49
N SER A 203 0.78 -14.50 3.81
CA SER A 203 0.40 -15.06 5.11
C SER A 203 0.91 -16.48 5.27
N ARG A 204 0.73 -17.33 4.25
CA ARG A 204 1.20 -18.71 4.31
C ARG A 204 2.71 -18.79 4.38
N THR A 205 3.42 -17.85 3.77
CA THR A 205 4.88 -17.87 3.82
C THR A 205 5.39 -17.44 5.18
N LYS A 206 4.75 -16.46 5.81
CA LYS A 206 5.20 -16.09 7.16
C LYS A 206 4.86 -17.18 8.17
N LYS A 207 3.70 -17.84 7.99
CA LYS A 207 3.37 -19.01 8.79
C LYS A 207 4.39 -20.14 8.59
N PHE A 208 4.87 -20.30 7.36
CA PHE A 208 5.77 -21.39 7.01
C PHE A 208 7.16 -21.18 7.59
N ILE A 209 7.67 -19.96 7.52
CA ILE A 209 8.98 -19.65 8.09
C ILE A 209 8.93 -19.72 9.61
N SER A 210 7.80 -19.28 10.21
CA SER A 210 7.66 -19.42 11.66
C SER A 210 7.59 -20.88 12.06
N ALA A 211 6.98 -21.73 11.22
CA ALA A 211 6.94 -23.16 11.49
C ALA A 211 8.32 -23.77 11.46
N ILE A 212 9.16 -23.37 10.50
CA ILE A 212 10.45 -24.05 10.42
C ILE A 212 11.41 -23.54 11.49
N TRP A 213 11.28 -22.29 11.93
CA TRP A 213 12.09 -21.87 13.08
C TRP A 213 11.60 -22.49 14.39
N LEU A 214 10.30 -22.71 14.52
CA LEU A 214 9.79 -23.38 15.71
C LEU A 214 10.22 -24.83 15.75
N ALA A 215 10.22 -25.52 14.60
CA ALA A 215 10.70 -26.90 14.57
C ALA A 215 12.20 -26.96 14.80
N SER A 216 12.94 -25.95 14.36
CA SER A 216 14.37 -25.93 14.65
C SER A 216 14.65 -25.66 16.12
N ALA A 217 13.74 -24.94 16.79
CA ALA A 217 13.92 -24.76 18.23
C ALA A 217 13.50 -26.01 19.00
N LEU A 218 12.49 -26.74 18.50
CA LEU A 218 12.05 -27.93 19.22
C LEU A 218 13.03 -29.08 19.06
N LEU A 219 13.64 -29.22 17.88
CA LEU A 219 14.55 -30.35 17.68
C LEU A 219 15.89 -30.16 18.36
N ALA A 220 16.20 -28.97 18.86
CA ALA A 220 17.42 -28.78 19.63
C ALA A 220 17.21 -28.94 21.11
N VAL A 221 15.96 -29.14 21.54
CA VAL A 221 15.67 -29.41 22.96
C VAL A 221 16.38 -30.64 23.51
N PRO A 222 16.48 -31.80 22.80
CA PRO A 222 17.26 -32.92 23.37
C PRO A 222 18.74 -32.64 23.57
N MET A 223 19.28 -31.55 23.06
CA MET A 223 20.65 -31.19 23.38
C MET A 223 20.76 -30.36 24.65
N LEU A 224 19.65 -30.07 25.32
CA LEU A 224 19.71 -29.38 26.60
C LEU A 224 20.07 -30.34 27.72
N PHE A 225 19.26 -31.37 27.93
CA PHE A 225 19.49 -32.22 29.09
C PHE A 225 20.67 -33.16 28.92
N THR A 226 21.09 -33.47 27.68
CA THR A 226 22.21 -34.38 27.52
C THR A 226 23.54 -33.72 27.79
N MET A 227 23.65 -32.43 27.50
CA MET A 227 24.96 -31.78 27.41
C MET A 227 25.25 -30.98 28.68
N GLY A 228 25.56 -31.71 29.74
CA GLY A 228 25.85 -31.10 31.02
C GLY A 228 27.33 -30.89 31.24
N GLU A 229 27.64 -30.11 32.26
CA GLU A 229 29.02 -29.97 32.71
C GLU A 229 29.35 -31.14 33.60
N GLN A 230 30.59 -31.60 33.53
CA GLN A 230 31.02 -32.74 34.33
C GLN A 230 32.52 -32.61 34.57
N ASN A 231 32.95 -33.03 35.76
CA ASN A 231 34.36 -33.02 36.11
C ASN A 231 34.90 -34.42 35.89
N ARG A 232 35.81 -34.54 34.92
CA ARG A 232 36.43 -35.82 34.59
C ARG A 232 37.93 -35.83 34.85
N SER A 233 38.38 -35.07 35.85
CA SER A 233 39.80 -35.03 36.18
C SER A 233 40.23 -36.34 36.82
N ALA A 234 41.55 -36.50 36.96
CA ALA A 234 42.08 -37.67 37.65
C ALA A 234 41.71 -37.64 39.13
N ASP A 235 41.72 -36.47 39.73
CA ASP A 235 41.13 -36.28 41.04
C ASP A 235 39.61 -36.25 40.89
N GLY A 236 38.91 -36.47 42.01
CA GLY A 236 37.46 -36.35 42.00
C GLY A 236 37.00 -34.92 41.77
N GLN A 237 37.78 -33.95 42.22
CA GLN A 237 37.47 -32.53 42.04
C GLN A 237 38.76 -31.77 41.75
N HIS A 238 38.72 -30.91 40.74
CA HIS A 238 39.81 -29.97 40.48
C HIS A 238 39.24 -28.79 39.72
N ALA A 239 39.90 -27.62 39.90
CA ALA A 239 39.37 -26.38 39.35
C ALA A 239 39.50 -26.32 37.84
N GLY A 240 40.45 -27.06 37.28
CA GLY A 240 40.67 -27.12 35.85
C GLY A 240 40.20 -28.38 35.17
N GLY A 241 39.59 -29.31 35.90
CA GLY A 241 39.15 -30.55 35.31
C GLY A 241 37.74 -30.53 34.77
N LEU A 242 37.09 -29.37 34.77
CA LEU A 242 35.71 -29.30 34.32
C LEU A 242 35.67 -29.24 32.79
N VAL A 243 34.89 -30.13 32.20
CA VAL A 243 34.75 -30.21 30.75
C VAL A 243 33.28 -30.04 30.39
N CYS A 244 33.02 -30.04 29.09
CA CYS A 244 31.69 -29.87 28.53
C CYS A 244 31.42 -31.03 27.60
N THR A 245 30.55 -31.95 28.00
CA THR A 245 30.50 -33.29 27.43
C THR A 245 29.07 -33.79 27.55
N PRO A 246 28.68 -34.79 26.76
CA PRO A 246 27.44 -35.49 27.06
C PRO A 246 27.57 -36.27 28.36
N THR A 247 26.57 -36.15 29.22
CA THR A 247 26.62 -36.69 30.57
C THR A 247 25.65 -37.82 30.82
N ILE A 248 24.65 -38.02 29.96
CA ILE A 248 23.77 -39.17 30.13
C ILE A 248 24.45 -40.39 29.54
N HIS A 249 23.85 -41.56 29.73
CA HIS A 249 24.45 -42.82 29.29
C HIS A 249 24.55 -42.90 27.78
N THR A 250 25.55 -43.65 27.31
CA THR A 250 25.97 -43.60 25.91
C THR A 250 24.93 -44.20 24.97
N ALA A 251 24.13 -45.15 25.45
CA ALA A 251 23.15 -45.79 24.60
C ALA A 251 21.95 -44.90 24.25
N THR A 252 21.83 -43.75 24.91
CA THR A 252 20.83 -42.76 24.52
C THR A 252 21.48 -41.55 23.85
N VAL A 253 22.76 -41.30 24.15
CA VAL A 253 23.57 -40.37 23.36
C VAL A 253 23.61 -40.82 21.90
N LYS A 254 23.66 -42.13 21.68
CA LYS A 254 23.62 -42.67 20.32
C LYS A 254 22.31 -42.32 19.61
N VAL A 255 21.19 -42.42 20.33
CA VAL A 255 19.91 -42.12 19.74
C VAL A 255 19.80 -40.63 19.44
N VAL A 256 20.29 -39.79 20.36
CA VAL A 256 20.26 -38.34 20.18
C VAL A 256 21.10 -37.93 18.98
N ILE A 257 22.30 -38.47 18.85
CA ILE A 257 23.18 -38.06 17.76
C ILE A 257 22.70 -38.65 16.43
N GLN A 258 22.09 -39.83 16.41
CA GLN A 258 21.65 -40.32 15.10
C GLN A 258 20.34 -39.67 14.66
N VAL A 259 19.49 -39.24 15.59
CA VAL A 259 18.35 -38.44 15.16
C VAL A 259 18.79 -37.03 14.77
N ASN A 260 19.86 -36.52 15.39
CA ASN A 260 20.48 -35.27 14.96
C ASN A 260 20.99 -35.37 13.54
N THR A 261 21.76 -36.42 13.25
CA THR A 261 22.33 -36.61 11.92
C THR A 261 21.22 -36.84 10.90
N PHE A 262 20.17 -37.56 11.29
CA PHE A 262 19.06 -37.80 10.38
C PHE A 262 18.33 -36.50 10.03
N MET A 263 17.76 -35.83 11.03
CA MET A 263 16.96 -34.65 10.77
C MET A 263 17.78 -33.40 10.46
N SER A 264 19.11 -33.49 10.46
CA SER A 264 19.90 -32.35 10.00
C SER A 264 20.66 -32.63 8.72
N PHE A 265 20.78 -33.88 8.29
CA PHE A 265 21.44 -34.19 7.04
C PHE A 265 20.54 -34.96 6.08
N ILE A 266 20.00 -36.09 6.51
CA ILE A 266 19.55 -37.10 5.56
C ILE A 266 18.24 -36.68 4.91
N PHE A 267 17.31 -36.15 5.67
CA PHE A 267 16.07 -35.65 5.10
C PHE A 267 16.25 -34.39 4.26
N PRO A 268 17.01 -33.34 4.69
CA PRO A 268 17.28 -32.26 3.75
C PRO A 268 18.11 -32.67 2.55
N MET A 269 18.98 -33.68 2.66
CA MET A 269 19.69 -34.18 1.48
C MET A 269 18.76 -34.79 0.47
N VAL A 270 17.78 -35.56 0.92
CA VAL A 270 16.86 -36.19 -0.01
C VAL A 270 16.01 -35.15 -0.71
N VAL A 271 15.47 -34.17 0.04
CA VAL A 271 14.61 -33.20 -0.63
C VAL A 271 15.42 -32.23 -1.50
N ILE A 272 16.63 -31.85 -1.08
CA ILE A 272 17.50 -30.99 -1.89
C ILE A 272 17.86 -31.69 -3.19
N SER A 273 18.31 -32.94 -3.12
CA SER A 273 18.80 -33.61 -4.32
C SER A 273 17.66 -33.93 -5.27
N VAL A 274 16.54 -34.43 -4.76
CA VAL A 274 15.44 -34.81 -5.65
C VAL A 274 14.80 -33.57 -6.28
N LEU A 275 14.57 -32.51 -5.50
CA LEU A 275 13.90 -31.35 -6.06
C LEU A 275 14.81 -30.56 -7.00
N ASN A 276 16.10 -30.41 -6.68
CA ASN A 276 16.96 -29.72 -7.62
C ASN A 276 17.25 -30.55 -8.86
N THR A 277 17.23 -31.89 -8.76
CA THR A 277 17.34 -32.72 -9.96
C THR A 277 16.12 -32.53 -10.86
N ILE A 278 14.92 -32.48 -10.28
CA ILE A 278 13.72 -32.30 -11.09
C ILE A 278 13.70 -30.90 -11.73
N ILE A 279 14.15 -29.88 -11.00
CA ILE A 279 14.16 -28.53 -11.57
C ILE A 279 15.20 -28.41 -12.67
N ALA A 280 16.39 -28.97 -12.48
CA ALA A 280 17.41 -28.91 -13.53
C ALA A 280 17.01 -29.74 -14.73
N ASN A 281 16.24 -30.80 -14.53
CA ASN A 281 15.69 -31.57 -15.64
C ASN A 281 14.71 -30.74 -16.46
N LYS A 282 13.79 -30.03 -15.78
CA LYS A 282 12.84 -29.15 -16.45
C LYS A 282 13.54 -28.04 -17.22
N LEU A 283 14.60 -27.47 -16.63
CA LEU A 283 15.31 -26.39 -17.30
C LEU A 283 16.13 -26.89 -18.48
N THR A 284 16.69 -28.10 -18.41
CA THR A 284 17.41 -28.61 -19.58
C THR A 284 16.43 -28.97 -20.69
N VAL A 285 15.22 -29.40 -20.34
CA VAL A 285 14.16 -29.56 -21.33
C VAL A 285 13.83 -28.22 -21.99
N MET A 286 13.75 -27.14 -21.21
CA MET A 286 13.48 -25.84 -21.82
C MET A 286 14.64 -25.33 -22.67
N VAL A 287 15.89 -25.68 -22.33
CA VAL A 287 17.00 -25.30 -23.20
C VAL A 287 16.94 -26.07 -24.52
N ARG A 288 16.57 -27.34 -24.47
CA ARG A 288 16.45 -28.12 -25.70
C ARG A 288 15.30 -27.65 -26.58
N GLN A 289 14.15 -27.31 -26.00
CA GLN A 289 13.09 -26.78 -26.84
C GLN A 289 13.19 -25.27 -27.06
N ALA A 290 14.20 -24.61 -26.49
CA ALA A 290 14.47 -23.22 -26.81
C ALA A 290 15.51 -23.07 -27.91
N ALA A 291 16.38 -24.06 -28.06
CA ALA A 291 17.24 -24.07 -29.23
C ALA A 291 16.71 -24.96 -30.34
N GLU A 292 15.67 -25.76 -30.07
CA GLU A 292 15.08 -26.59 -31.11
C GLU A 292 13.99 -25.85 -31.87
N GLN A 293 13.39 -24.83 -31.26
CA GLN A 293 12.28 -24.09 -31.88
C GLN A 293 12.77 -23.24 -33.05
N ARG A 304 17.41 -15.44 -22.41
CA ARG A 304 18.54 -16.05 -23.12
C ARG A 304 18.59 -17.55 -22.90
N VAL A 305 19.62 -18.19 -23.45
CA VAL A 305 19.95 -19.56 -23.09
C VAL A 305 21.19 -19.63 -22.21
N GLN A 306 21.85 -18.50 -22.01
CA GLN A 306 22.99 -18.47 -21.11
C GLN A 306 22.52 -18.50 -19.66
N ALA A 307 21.44 -17.79 -19.36
CA ALA A 307 20.98 -17.71 -17.97
C ALA A 307 20.29 -18.98 -17.52
N LEU A 308 19.65 -19.72 -18.43
CA LEU A 308 19.06 -21.00 -18.04
C LEU A 308 20.14 -22.03 -17.69
N ARG A 309 21.21 -22.08 -18.48
CA ARG A 309 22.34 -22.93 -18.14
C ARG A 309 23.02 -22.47 -16.87
N HIS A 310 23.02 -21.16 -16.62
CA HIS A 310 23.54 -20.61 -15.37
C HIS A 310 22.75 -21.09 -14.17
N GLY A 311 21.42 -21.09 -14.29
CA GLY A 311 20.59 -21.60 -13.20
C GLY A 311 20.73 -23.09 -12.98
N VAL A 312 20.92 -23.84 -14.07
CA VAL A 312 21.19 -25.28 -13.96
C VAL A 312 22.52 -25.52 -13.24
N ARG A 313 23.50 -24.63 -13.46
CA ARG A 313 24.73 -24.71 -12.70
C ARG A 313 24.51 -24.43 -11.22
N VAL A 314 23.69 -23.42 -10.91
CA VAL A 314 23.55 -22.98 -9.51
C VAL A 314 22.78 -24.02 -8.68
N LEU A 315 21.83 -24.73 -9.28
CA LEU A 315 21.14 -25.80 -8.55
C LEU A 315 22.09 -26.91 -8.11
N ARG A 316 22.94 -27.37 -9.03
CA ARG A 316 23.91 -28.40 -8.69
C ARG A 316 24.97 -27.87 -7.75
N ALA A 317 25.29 -26.58 -7.82
CA ALA A 317 26.24 -25.99 -6.87
C ALA A 317 25.67 -26.01 -5.46
N VAL A 318 24.36 -25.77 -5.33
CA VAL A 318 23.68 -25.87 -4.04
C VAL A 318 23.82 -27.27 -3.46
N VAL A 319 23.51 -28.29 -4.26
CA VAL A 319 23.53 -29.67 -3.75
C VAL A 319 24.95 -30.07 -3.36
N ILE A 320 25.92 -29.74 -4.22
CA ILE A 320 27.30 -30.16 -3.97
C ILE A 320 27.90 -29.42 -2.78
N ALA A 321 27.58 -28.14 -2.61
CA ALA A 321 28.11 -27.40 -1.48
C ALA A 321 27.51 -27.88 -0.17
N PHE A 322 26.23 -28.26 -0.18
CA PHE A 322 25.61 -28.77 1.04
C PHE A 322 26.19 -30.11 1.44
N VAL A 323 26.39 -31.01 0.47
CA VAL A 323 27.03 -32.31 0.75
C VAL A 323 28.43 -32.13 1.29
N VAL A 324 29.26 -31.38 0.57
CA VAL A 324 30.69 -31.27 0.89
C VAL A 324 30.89 -30.53 2.21
N CYS A 325 29.99 -29.64 2.56
CA CYS A 325 30.22 -28.93 3.81
C CYS A 325 29.54 -29.56 5.02
N TRP A 326 28.44 -30.30 4.87
CA TRP A 326 27.81 -30.90 6.04
C TRP A 326 27.85 -32.41 6.06
N LEU A 327 28.68 -33.04 5.24
CA LEU A 327 28.94 -34.45 5.48
C LEU A 327 30.02 -34.73 6.52
N PRO A 328 31.22 -34.10 6.51
CA PRO A 328 32.22 -34.49 7.49
C PRO A 328 31.89 -34.16 8.93
N TYR A 329 31.07 -33.13 9.17
CA TYR A 329 30.65 -32.79 10.52
C TYR A 329 29.81 -33.90 11.14
N HIS A 330 28.87 -34.46 10.38
CA HIS A 330 28.10 -35.54 10.96
C HIS A 330 28.83 -36.86 10.91
N VAL A 331 29.83 -37.01 10.03
CA VAL A 331 30.74 -38.14 10.13
C VAL A 331 31.53 -38.09 11.43
N ARG A 332 31.95 -36.89 11.84
CA ARG A 332 32.65 -36.72 13.11
C ARG A 332 31.75 -37.05 14.29
N ARG A 333 30.52 -36.56 14.27
CA ARG A 333 29.66 -36.80 15.42
C ARG A 333 29.20 -38.25 15.49
N LEU A 334 29.05 -38.92 14.34
CA LEU A 334 28.82 -40.35 14.40
C LEU A 334 30.06 -41.13 14.81
N MET A 335 31.25 -40.60 14.53
CA MET A 335 32.49 -41.24 14.97
C MET A 335 32.62 -41.16 16.49
N PHE A 336 32.25 -40.03 17.07
CA PHE A 336 32.15 -39.93 18.53
C PHE A 336 31.03 -40.82 19.05
N CYS A 337 29.99 -41.01 18.26
CA CYS A 337 28.81 -41.75 18.69
C CYS A 337 29.06 -43.27 18.76
N TYR A 338 29.72 -43.82 17.76
CA TYR A 338 29.77 -45.27 17.61
C TYR A 338 31.01 -45.93 18.21
N ILE A 339 32.18 -45.32 18.05
CA ILE A 339 33.43 -45.98 18.43
C ILE A 339 33.55 -46.01 19.95
N SER A 340 33.54 -47.22 20.52
CA SER A 340 33.63 -47.40 21.96
C SER A 340 35.08 -47.33 22.42
N ASP A 341 35.25 -47.11 23.74
CA ASP A 341 36.56 -46.83 24.32
C ASP A 341 37.52 -48.00 24.26
N GLU A 342 37.02 -49.21 24.02
CA GLU A 342 37.91 -50.32 23.71
C GLU A 342 38.58 -50.14 22.35
N GLN A 343 37.98 -49.37 21.47
CA GLN A 343 38.55 -49.12 20.15
C GLN A 343 39.31 -47.81 20.07
N TRP A 344 39.09 -46.88 21.00
CA TRP A 344 39.80 -45.61 20.96
C TRP A 344 41.26 -45.78 21.36
N THR A 345 42.13 -45.06 20.68
CA THR A 345 43.57 -45.05 20.86
C THR A 345 43.97 -43.63 21.22
N PRO A 346 45.23 -43.39 21.64
CA PRO A 346 45.69 -42.00 21.67
C PRO A 346 45.86 -41.41 20.28
N PHE A 347 46.15 -42.24 19.28
CA PHE A 347 46.21 -41.77 17.90
C PHE A 347 44.85 -41.29 17.43
N LEU A 348 43.78 -42.04 17.76
CA LEU A 348 42.45 -41.58 17.40
C LEU A 348 42.02 -40.38 18.22
N TYR A 349 42.58 -40.20 19.42
CA TYR A 349 42.32 -39.00 20.20
C TYR A 349 42.85 -37.77 19.48
N ASP A 350 44.12 -37.83 19.06
CA ASP A 350 44.71 -36.70 18.35
C ASP A 350 44.08 -36.51 16.97
N PHE A 351 43.79 -37.60 16.28
CA PHE A 351 43.12 -37.54 14.99
C PHE A 351 41.72 -36.95 15.11
N TYR A 352 41.01 -37.26 16.19
CA TYR A 352 39.69 -36.69 16.41
C TYR A 352 39.77 -35.19 16.61
N HIS A 353 40.80 -34.72 17.31
CA HIS A 353 40.86 -33.28 17.57
C HIS A 353 41.24 -32.50 16.30
N TYR A 354 42.18 -33.03 15.51
CA TYR A 354 42.48 -32.38 14.23
C TYR A 354 41.31 -32.48 13.25
N PHE A 355 40.60 -33.60 13.26
CA PHE A 355 39.45 -33.75 12.39
C PHE A 355 38.29 -32.87 12.84
N TYR A 356 38.17 -32.62 14.14
CA TYR A 356 37.20 -31.67 14.67
C TYR A 356 37.44 -30.28 14.11
N MET A 357 38.72 -29.88 14.12
CA MET A 357 39.14 -28.61 13.54
C MET A 357 38.74 -28.49 12.07
N VAL A 358 39.02 -29.55 11.28
CA VAL A 358 38.72 -29.54 9.85
C VAL A 358 37.21 -29.52 9.57
N THR A 359 36.44 -30.35 10.28
CA THR A 359 35.00 -30.42 10.02
C THR A 359 34.29 -29.13 10.39
N ASN A 360 34.73 -28.47 11.46
CA ASN A 360 34.07 -27.22 11.78
C ASN A 360 34.50 -26.10 10.84
N ALA A 361 35.69 -26.22 10.24
CA ALA A 361 36.05 -25.32 9.15
C ALA A 361 35.09 -25.44 7.98
N LEU A 362 34.76 -26.67 7.58
CA LEU A 362 33.82 -26.85 6.47
C LEU A 362 32.39 -26.42 6.84
N PHE A 363 32.03 -26.58 8.11
CA PHE A 363 30.72 -26.12 8.59
C PHE A 363 30.58 -24.61 8.46
N TYR A 364 31.61 -23.87 8.87
CA TYR A 364 31.52 -22.42 8.70
C TYR A 364 31.67 -22.00 7.26
N VAL A 365 32.33 -22.81 6.42
CA VAL A 365 32.35 -22.54 4.97
C VAL A 365 30.95 -22.62 4.38
N SER A 366 30.12 -23.57 4.85
CA SER A 366 28.72 -23.59 4.42
C SER A 366 28.00 -22.32 4.82
N SER A 367 28.20 -21.90 6.07
CA SER A 367 27.55 -20.69 6.55
C SER A 367 28.01 -19.43 5.81
N THR A 368 29.20 -19.46 5.22
CA THR A 368 29.65 -18.29 4.47
C THR A 368 29.36 -18.33 2.98
N ILE A 369 29.26 -19.51 2.36
CA ILE A 369 29.01 -19.53 0.91
C ILE A 369 27.56 -19.77 0.57
N ASN A 370 26.67 -19.91 1.56
CA ASN A 370 25.25 -19.76 1.25
C ASN A 370 24.86 -18.43 0.61
N PRO A 371 25.23 -17.25 1.15
CA PRO A 371 24.71 -16.00 0.53
C PRO A 371 25.26 -15.69 -0.85
N ILE A 372 26.49 -16.12 -1.15
CA ILE A 372 27.07 -15.89 -2.48
C ILE A 372 26.28 -16.63 -3.55
N LEU A 373 26.17 -17.95 -3.44
CA LEU A 373 25.51 -18.70 -4.49
C LEU A 373 24.01 -18.83 -4.29
N TYR A 374 23.43 -18.21 -3.26
CA TYR A 374 21.98 -18.05 -3.23
C TYR A 374 21.53 -16.67 -3.69
N ASN A 375 22.41 -15.67 -3.62
CA ASN A 375 22.05 -14.31 -3.96
C ASN A 375 22.83 -13.78 -5.14
N LEU A 376 24.15 -13.75 -5.05
CA LEU A 376 24.98 -12.88 -5.88
C LEU A 376 25.19 -13.40 -7.28
N VAL A 377 24.95 -14.68 -7.52
CA VAL A 377 25.22 -15.25 -8.85
C VAL A 377 23.96 -15.19 -9.72
N SER A 378 23.01 -14.31 -9.39
CA SER A 378 21.73 -14.20 -10.09
C SER A 378 21.71 -13.11 -11.15
N ALA A 379 22.64 -12.15 -11.10
CA ALA A 379 22.82 -10.98 -11.97
C ALA A 379 21.75 -9.90 -11.84
N ASN A 380 20.73 -10.11 -11.00
CA ASN A 380 19.83 -9.02 -10.61
C ASN A 380 20.17 -8.50 -9.23
N PHE A 381 20.69 -9.38 -8.37
CA PHE A 381 21.08 -9.02 -7.01
C PHE A 381 22.37 -8.22 -6.99
N ARG A 382 23.17 -8.30 -8.05
CA ARG A 382 24.54 -7.79 -8.06
C ARG A 382 24.57 -6.28 -7.91
N HIS A 383 23.67 -5.58 -8.59
CA HIS A 383 23.70 -4.11 -8.61
C HIS A 383 23.25 -3.53 -7.28
N ILE A 384 22.26 -4.15 -6.65
CA ILE A 384 21.81 -3.67 -5.35
C ILE A 384 22.79 -4.08 -4.26
N PHE A 385 23.53 -5.17 -4.48
CA PHE A 385 24.55 -5.66 -3.56
C PHE A 385 25.68 -4.63 -3.40
N LYS B 1 41.53 -43.51 25.89
CA LYS B 1 41.58 -42.09 26.13
C LYS B 1 40.52 -41.38 25.30
N LYS B 2 39.28 -41.83 25.46
CA LYS B 2 38.19 -41.27 24.67
C LYS B 2 38.18 -39.74 24.79
N PRO B 3 38.02 -39.02 23.68
CA PRO B 3 37.81 -37.58 23.77
C PRO B 3 36.47 -37.25 24.37
N TYR B 4 36.38 -36.03 24.90
CA TYR B 4 35.18 -35.57 25.57
C TYR B 4 34.40 -34.52 24.81
N ILE B 5 35.01 -33.85 23.84
CA ILE B 5 34.36 -32.80 23.07
C ILE B 5 33.44 -33.42 22.04
N LEU B 6 32.18 -33.01 22.04
CA LEU B 6 31.27 -33.33 20.94
C LEU B 6 30.67 -32.02 20.47
N THR C 4 -2.00 6.27 26.30
CA THR C 4 -3.02 5.25 26.44
C THR C 4 -4.31 5.69 25.73
N LEU C 5 -4.87 4.81 24.93
CA LEU C 5 -6.02 5.12 24.12
C LEU C 5 -7.30 5.12 24.95
N SER C 6 -8.30 5.82 24.43
CA SER C 6 -9.60 5.94 25.09
C SER C 6 -10.43 4.69 24.83
N ALA C 7 -11.69 4.72 25.26
CA ALA C 7 -12.55 3.60 24.95
C ALA C 7 -13.01 3.64 23.51
N GLU C 8 -12.96 4.82 22.89
CA GLU C 8 -13.33 4.96 21.50
C GLU C 8 -12.15 4.90 20.56
N ASP C 9 -10.97 5.31 21.02
CA ASP C 9 -9.80 5.19 20.18
C ASP C 9 -9.40 3.74 19.99
N LYS C 10 -9.66 2.90 20.98
CA LYS C 10 -9.38 1.48 20.82
C LYS C 10 -10.30 0.86 19.77
N ALA C 11 -11.56 1.28 19.72
CA ALA C 11 -12.44 0.69 18.72
C ALA C 11 -12.18 1.27 17.35
N ALA C 12 -11.65 2.50 17.28
CA ALA C 12 -11.19 3.03 16.01
C ALA C 12 -9.97 2.28 15.52
N VAL C 13 -9.05 1.93 16.43
CA VAL C 13 -7.87 1.16 16.04
C VAL C 13 -8.25 -0.27 15.65
N GLU C 14 -9.29 -0.83 16.25
CA GLU C 14 -9.78 -2.13 15.81
C GLU C 14 -10.43 -2.05 14.43
N ARG C 15 -11.10 -0.93 14.14
CA ARG C 15 -11.63 -0.71 12.80
C ARG C 15 -10.51 -0.62 11.78
N SER C 16 -9.46 0.14 12.11
CA SER C 16 -8.29 0.25 11.25
C SER C 16 -7.62 -1.08 11.00
N LYS C 17 -7.53 -1.93 12.02
CA LYS C 17 -6.89 -3.22 11.82
C LYS C 17 -7.79 -4.19 11.06
N MET C 18 -9.11 -4.10 11.20
CA MET C 18 -9.94 -4.98 10.39
C MET C 18 -9.99 -4.51 8.93
N ILE C 19 -9.84 -3.20 8.70
CA ILE C 19 -9.70 -2.70 7.33
C ILE C 19 -8.37 -3.14 6.73
N ASP C 20 -7.29 -3.09 7.52
CA ASP C 20 -6.00 -3.64 7.09
C ASP C 20 -6.09 -5.11 6.71
N ARG C 21 -6.89 -5.88 7.46
CA ARG C 21 -7.09 -7.28 7.14
C ARG C 21 -7.81 -7.47 5.82
N ASN C 22 -8.87 -6.70 5.58
CA ASN C 22 -9.57 -6.78 4.29
C ASN C 22 -8.71 -6.30 3.13
N LEU C 23 -7.84 -5.33 3.38
CA LEU C 23 -6.93 -4.85 2.35
C LEU C 23 -5.90 -5.90 1.99
N ARG C 24 -5.26 -6.52 2.98
CA ARG C 24 -4.23 -7.51 2.67
C ARG C 24 -4.83 -8.73 2.01
N GLU C 25 -6.05 -9.12 2.41
CA GLU C 25 -6.73 -10.21 1.72
C GLU C 25 -7.06 -9.86 0.27
N ASP C 26 -7.56 -8.65 0.01
CA ASP C 26 -7.90 -8.31 -1.36
C ASP C 26 -6.65 -8.09 -2.20
N GLY C 27 -5.55 -7.68 -1.58
CA GLY C 27 -4.31 -7.54 -2.31
C GLY C 27 -3.70 -8.86 -2.71
N GLU C 28 -3.84 -9.87 -1.85
CA GLU C 28 -3.43 -11.21 -2.25
C GLU C 28 -4.32 -11.75 -3.36
N LYS C 29 -5.63 -11.52 -3.25
CA LYS C 29 -6.59 -11.93 -4.27
C LYS C 29 -6.29 -11.27 -5.62
N ALA C 30 -5.78 -10.05 -5.59
CA ALA C 30 -5.45 -9.36 -6.83
C ALA C 30 -4.07 -9.76 -7.34
N ALA C 31 -3.13 -10.04 -6.44
CA ALA C 31 -1.77 -10.31 -6.87
C ALA C 31 -1.62 -11.73 -7.42
N ARG C 32 -2.56 -12.63 -7.11
CA ARG C 32 -2.49 -13.96 -7.72
C ARG C 32 -3.29 -14.00 -9.04
N GLU C 33 -3.00 -13.02 -9.90
CA GLU C 33 -3.83 -12.83 -11.08
C GLU C 33 -2.98 -12.23 -12.20
N VAL C 34 -3.30 -12.62 -13.44
CA VAL C 34 -2.46 -12.34 -14.60
C VAL C 34 -3.13 -11.27 -15.45
N LYS C 35 -2.45 -10.15 -15.64
CA LYS C 35 -3.00 -9.00 -16.33
C LYS C 35 -2.35 -8.83 -17.70
N LEU C 36 -3.17 -8.58 -18.72
CA LEU C 36 -2.73 -8.53 -20.11
C LEU C 36 -3.23 -7.26 -20.76
N LEU C 37 -2.35 -6.56 -21.46
CA LEU C 37 -2.69 -5.33 -22.15
C LEU C 37 -2.93 -5.65 -23.61
N LEU C 38 -3.94 -5.04 -24.22
CA LEU C 38 -4.15 -5.13 -25.66
C LEU C 38 -3.83 -3.81 -26.33
N LEU C 39 -3.06 -3.87 -27.40
CA LEU C 39 -2.71 -2.70 -28.18
C LEU C 39 -2.90 -2.97 -29.65
N GLY C 40 -2.95 -1.92 -30.44
CA GLY C 40 -3.01 -2.06 -31.88
C GLY C 40 -3.95 -1.06 -32.49
N ALA C 41 -3.77 -0.84 -33.79
CA ALA C 41 -4.64 0.07 -34.51
C ALA C 41 -6.00 -0.59 -34.78
N GLY C 42 -6.95 0.22 -35.22
CA GLY C 42 -8.30 -0.25 -35.38
C GLY C 42 -8.47 -1.14 -36.60
N GLU C 43 -9.45 -2.05 -36.51
CA GLU C 43 -9.73 -3.10 -37.50
C GLU C 43 -8.49 -3.94 -37.78
N SER C 44 -7.87 -4.43 -36.72
CA SER C 44 -6.67 -5.25 -36.80
C SER C 44 -6.81 -6.53 -36.00
N GLY C 45 -8.02 -7.08 -35.92
CA GLY C 45 -8.24 -8.37 -35.29
C GLY C 45 -8.28 -8.36 -33.78
N LYS C 46 -8.30 -7.18 -33.15
CA LYS C 46 -8.45 -7.10 -31.70
C LYS C 46 -9.78 -7.68 -31.26
N SER C 47 -10.85 -7.34 -32.01
CA SER C 47 -12.16 -7.93 -31.77
C SER C 47 -12.15 -9.43 -32.01
N THR C 48 -11.38 -9.89 -32.99
CA THR C 48 -11.28 -11.32 -33.28
C THR C 48 -10.64 -12.07 -32.12
N ILE C 49 -9.59 -11.51 -31.55
CA ILE C 49 -8.90 -12.18 -30.44
C ILE C 49 -9.74 -12.15 -29.17
N VAL C 50 -10.42 -11.04 -28.90
CA VAL C 50 -11.29 -10.96 -27.73
C VAL C 50 -12.49 -11.90 -27.88
N LYS C 51 -13.03 -12.00 -29.09
CA LYS C 51 -14.08 -12.96 -29.36
C LYS C 51 -13.59 -14.40 -29.22
N GLN C 52 -12.32 -14.65 -29.51
CA GLN C 52 -11.81 -16.00 -29.35
C GLN C 52 -11.52 -16.33 -27.89
N MET C 53 -11.30 -15.32 -27.05
CA MET C 53 -11.08 -15.58 -25.62
C MET C 53 -12.36 -16.04 -24.92
N LYS C 54 -13.41 -15.22 -24.98
CA LYS C 54 -14.65 -15.50 -24.28
C LYS C 54 -15.48 -16.60 -24.94
N ILE C 55 -15.18 -16.96 -26.18
CA ILE C 55 -15.90 -18.05 -26.82
C ILE C 55 -14.96 -19.21 -27.05
N THR C 182 -17.04 3.83 -21.46
CA THR C 182 -16.55 3.07 -22.60
C THR C 182 -15.11 3.42 -22.89
N GLY C 183 -14.38 3.84 -21.86
CA GLY C 183 -13.00 4.22 -22.04
C GLY C 183 -12.05 3.04 -22.07
N ILE C 184 -11.99 2.29 -20.98
CA ILE C 184 -11.19 1.09 -20.91
C ILE C 184 -12.15 -0.10 -20.87
N VAL C 185 -11.73 -1.21 -21.45
CA VAL C 185 -12.60 -2.36 -21.62
C VAL C 185 -11.89 -3.59 -21.09
N GLU C 186 -12.42 -4.18 -20.03
CA GLU C 186 -11.83 -5.37 -19.43
C GLU C 186 -12.61 -6.60 -19.87
N THR C 187 -11.90 -7.62 -20.30
CA THR C 187 -12.49 -8.94 -20.53
C THR C 187 -11.82 -9.91 -19.58
N HIS C 188 -12.59 -10.41 -18.62
CA HIS C 188 -12.10 -11.19 -17.51
C HIS C 188 -12.47 -12.65 -17.72
N PHE C 189 -11.46 -13.50 -17.86
CA PHE C 189 -11.69 -14.93 -18.03
C PHE C 189 -10.65 -15.69 -17.22
N THR C 190 -10.97 -16.94 -16.91
CA THR C 190 -10.10 -17.80 -16.14
C THR C 190 -9.63 -18.97 -16.97
N PHE C 191 -8.50 -19.54 -16.55
CA PHE C 191 -7.92 -20.71 -17.21
C PHE C 191 -6.95 -21.37 -16.25
N LYS C 192 -7.04 -22.70 -16.15
CA LYS C 192 -6.25 -23.53 -15.25
C LYS C 192 -6.35 -23.02 -13.81
N ASP C 193 -7.60 -22.72 -13.42
CA ASP C 193 -7.97 -22.29 -12.07
C ASP C 193 -7.23 -21.00 -11.69
N LEU C 194 -7.04 -20.12 -12.66
CA LEU C 194 -6.29 -18.89 -12.49
C LEU C 194 -6.89 -17.84 -13.40
N HIS C 195 -7.04 -16.62 -12.87
CA HIS C 195 -7.78 -15.58 -13.56
C HIS C 195 -6.88 -14.75 -14.47
N PHE C 196 -7.43 -14.34 -15.61
CA PHE C 196 -6.73 -13.54 -16.60
C PHE C 196 -7.53 -12.28 -16.87
N LYS C 197 -6.87 -11.13 -16.81
CA LYS C 197 -7.52 -9.85 -17.05
C LYS C 197 -6.93 -9.26 -18.32
N MET C 198 -7.79 -8.91 -19.26
CA MET C 198 -7.37 -8.38 -20.54
C MET C 198 -7.94 -6.98 -20.73
N PHE C 199 -7.06 -6.00 -20.92
CA PHE C 199 -7.41 -4.59 -20.91
C PHE C 199 -7.39 -4.10 -22.34
N ASP C 200 -8.54 -4.15 -22.99
CA ASP C 200 -8.68 -3.66 -24.36
C ASP C 200 -8.66 -2.14 -24.29
N VAL C 201 -7.46 -1.57 -24.31
CA VAL C 201 -7.32 -0.15 -24.00
C VAL C 201 -7.57 0.73 -25.22
N GLY C 202 -7.66 0.15 -26.41
CA GLY C 202 -7.76 0.93 -27.62
C GLY C 202 -9.07 1.62 -27.87
N GLY C 203 -10.03 1.51 -26.95
CA GLY C 203 -11.30 2.17 -27.14
C GLY C 203 -11.19 3.68 -26.98
N GLN C 204 -10.51 4.12 -25.93
CA GLN C 204 -10.42 5.55 -25.67
C GLN C 204 -9.17 6.13 -26.31
N ARG C 205 -9.30 7.36 -26.80
CA ARG C 205 -8.27 8.01 -27.61
C ARG C 205 -7.86 9.30 -26.94
N SER C 206 -6.61 9.35 -26.50
CA SER C 206 -5.96 10.53 -25.94
C SER C 206 -4.47 10.30 -26.10
N GLU C 207 -3.67 11.05 -25.37
CA GLU C 207 -2.23 10.84 -25.46
C GLU C 207 -1.83 9.60 -24.67
N ARG C 208 -1.19 8.64 -25.35
CA ARG C 208 -0.69 7.47 -24.64
C ARG C 208 0.48 7.77 -23.74
N LYS C 209 1.11 8.93 -23.87
CA LYS C 209 2.26 9.23 -23.02
C LYS C 209 1.85 9.55 -21.60
N LYS C 210 0.55 9.71 -21.33
CA LYS C 210 0.08 10.19 -20.05
C LYS C 210 -0.71 9.17 -19.27
N TRP C 211 -0.94 8.00 -19.82
CA TRP C 211 -1.54 6.93 -19.05
C TRP C 211 -0.95 5.57 -19.30
N ILE C 212 0.09 5.43 -20.11
CA ILE C 212 0.62 4.09 -20.33
C ILE C 212 1.48 3.66 -19.15
N HIS C 213 1.91 4.59 -18.31
CA HIS C 213 2.64 4.22 -17.10
C HIS C 213 1.74 3.66 -16.02
N CYS C 214 0.42 3.63 -16.24
CA CYS C 214 -0.50 2.91 -15.38
C CYS C 214 -0.33 1.41 -15.49
N PHE C 215 0.30 0.95 -16.57
CA PHE C 215 0.31 -0.44 -16.97
C PHE C 215 1.68 -1.09 -16.86
N GLU C 216 2.59 -0.53 -16.08
CA GLU C 216 3.76 -1.33 -15.78
C GLU C 216 3.37 -2.33 -14.70
N GLY C 217 3.92 -3.52 -14.81
CA GLY C 217 3.44 -4.64 -14.05
C GLY C 217 2.39 -5.46 -14.76
N VAL C 218 1.95 -5.02 -15.93
CA VAL C 218 1.22 -5.92 -16.81
C VAL C 218 2.17 -7.04 -17.19
N THR C 219 1.68 -8.28 -17.10
CA THR C 219 2.52 -9.44 -17.36
C THR C 219 2.96 -9.51 -18.81
N ALA C 220 2.03 -9.39 -19.75
CA ALA C 220 2.39 -9.51 -21.15
C ALA C 220 1.51 -8.60 -21.98
N ILE C 221 2.14 -7.83 -22.85
CA ILE C 221 1.43 -6.97 -23.78
C ILE C 221 1.05 -7.79 -24.99
N ILE C 222 -0.20 -7.73 -25.41
CA ILE C 222 -0.64 -8.51 -26.56
C ILE C 222 -0.88 -7.52 -27.70
N PHE C 223 0.15 -7.28 -28.50
CA PHE C 223 0.09 -6.32 -29.59
C PHE C 223 -0.46 -7.03 -30.82
N CYS C 224 -1.31 -6.36 -31.58
CA CYS C 224 -2.02 -7.00 -32.68
C CYS C 224 -1.84 -6.20 -33.96
N VAL C 225 -1.41 -6.86 -35.02
CA VAL C 225 -1.22 -6.25 -36.32
C VAL C 225 -1.97 -7.10 -37.34
N ALA C 226 -2.68 -6.44 -38.26
CA ALA C 226 -3.20 -7.12 -39.43
C ALA C 226 -2.13 -7.13 -40.51
N LEU C 227 -1.94 -8.28 -41.15
CA LEU C 227 -1.00 -8.39 -42.25
C LEU C 227 -1.47 -7.63 -43.48
N SER C 228 -2.78 -7.62 -43.74
CA SER C 228 -3.30 -7.07 -44.98
C SER C 228 -3.29 -5.56 -45.02
N ASP C 229 -2.91 -4.88 -43.94
CA ASP C 229 -2.85 -3.43 -43.93
C ASP C 229 -1.48 -2.90 -44.32
N TYR C 230 -0.77 -3.62 -45.18
CA TYR C 230 0.54 -3.17 -45.63
C TYR C 230 0.45 -2.12 -46.72
N ASP C 231 -0.64 -2.12 -47.50
CA ASP C 231 -0.82 -1.22 -48.61
C ASP C 231 -1.90 -0.17 -48.39
N LEU C 232 -2.69 -0.28 -47.32
CA LEU C 232 -3.77 0.66 -47.07
C LEU C 232 -3.23 1.91 -46.39
N VAL C 233 -4.00 2.99 -46.52
CA VAL C 233 -3.60 4.30 -46.03
C VAL C 233 -4.61 4.83 -45.04
N ASN C 241 -0.07 3.17 -45.67
CA ASN C 241 1.03 3.05 -44.71
C ASN C 241 0.56 2.67 -43.32
N ARG C 242 -0.47 1.81 -43.25
CA ARG C 242 -0.92 1.35 -41.95
C ARG C 242 0.09 0.41 -41.30
N MET C 243 0.86 -0.33 -42.12
CA MET C 243 1.87 -1.22 -41.56
C MET C 243 3.03 -0.43 -40.98
N HIS C 244 3.40 0.67 -41.63
CA HIS C 244 4.45 1.52 -41.08
C HIS C 244 3.99 2.24 -39.83
N GLU C 245 2.69 2.56 -39.77
CA GLU C 245 2.11 3.16 -38.57
C GLU C 245 2.09 2.16 -37.42
N SER C 246 1.73 0.90 -37.70
CA SER C 246 1.76 -0.14 -36.69
C SER C 246 3.18 -0.45 -36.25
N MET C 247 4.15 -0.36 -37.17
CA MET C 247 5.55 -0.53 -36.80
C MET C 247 6.02 0.58 -35.87
N LYS C 248 5.58 1.81 -36.14
CA LYS C 248 5.93 2.92 -35.26
C LYS C 248 5.28 2.77 -33.89
N LEU C 249 4.04 2.26 -33.86
CA LEU C 249 3.35 2.02 -32.60
C LEU C 249 4.03 0.92 -31.80
N PHE C 250 4.40 -0.16 -32.47
CA PHE C 250 5.14 -1.25 -31.83
C PHE C 250 6.49 -0.78 -31.30
N ASP C 251 7.18 0.08 -32.05
CA ASP C 251 8.45 0.63 -31.58
C ASP C 251 8.24 1.46 -30.32
N SER C 252 7.25 2.36 -30.35
CA SER C 252 7.03 3.26 -29.23
C SER C 252 6.58 2.53 -27.98
N ILE C 253 5.95 1.37 -28.13
CA ILE C 253 5.53 0.61 -26.95
C ILE C 253 6.60 -0.38 -26.51
N CYS C 254 7.30 -1.00 -27.45
CA CYS C 254 8.26 -2.02 -27.13
C CYS C 254 9.52 -1.44 -26.51
N ASN C 255 9.93 -0.25 -26.94
CA ASN C 255 11.13 0.36 -26.38
C ASN C 255 10.80 1.35 -25.29
N ASN C 256 9.63 1.24 -24.67
CA ASN C 256 9.18 2.22 -23.70
C ASN C 256 9.93 2.03 -22.38
N LYS C 257 10.01 3.12 -21.61
CA LYS C 257 10.79 3.08 -20.39
C LYS C 257 10.09 2.33 -19.27
N TRP C 258 8.79 2.03 -19.43
CA TRP C 258 8.04 1.32 -18.41
C TRP C 258 7.94 -0.16 -18.72
N PHE C 259 7.85 -0.49 -20.01
CA PHE C 259 7.71 -1.85 -20.50
C PHE C 259 9.06 -2.49 -20.79
N THR C 260 10.10 -2.10 -20.04
CA THR C 260 11.45 -2.60 -20.26
C THR C 260 11.52 -4.09 -20.03
N ASP C 261 10.82 -4.57 -19.01
CA ASP C 261 10.87 -5.98 -18.64
C ASP C 261 9.72 -6.76 -19.25
N THR C 262 8.63 -6.10 -19.62
CA THR C 262 7.40 -6.80 -19.99
C THR C 262 7.47 -7.32 -21.41
N SER C 263 7.32 -8.63 -21.59
CA SER C 263 7.43 -9.22 -22.90
C SER C 263 6.15 -9.02 -23.68
N ILE C 264 6.21 -9.28 -24.99
CA ILE C 264 5.15 -8.93 -25.92
C ILE C 264 4.70 -10.17 -26.66
N ILE C 265 3.41 -10.44 -26.66
CA ILE C 265 2.83 -11.52 -27.44
C ILE C 265 2.30 -10.89 -28.72
N LEU C 266 3.08 -10.97 -29.79
CA LEU C 266 2.72 -10.32 -31.04
C LEU C 266 1.84 -11.24 -31.88
N PHE C 267 0.76 -10.68 -32.41
CA PHE C 267 -0.10 -11.41 -33.33
C PHE C 267 -0.03 -10.78 -34.70
N LEU C 268 -0.22 -11.62 -35.72
CA LEU C 268 -0.34 -11.18 -37.11
C LEU C 268 -1.61 -11.79 -37.66
N ASN C 269 -2.58 -10.94 -37.99
CA ASN C 269 -3.93 -11.39 -38.28
C ASN C 269 -4.25 -11.32 -39.76
N LYS C 270 -5.29 -12.08 -40.14
CA LYS C 270 -5.84 -12.13 -41.51
C LYS C 270 -4.77 -12.49 -42.54
N LYS C 271 -4.27 -13.72 -42.43
CA LYS C 271 -3.16 -14.14 -43.26
C LYS C 271 -3.62 -14.61 -44.64
N ASP C 272 -4.85 -15.10 -44.75
CA ASP C 272 -5.33 -15.59 -46.03
C ASP C 272 -5.67 -14.44 -46.98
N LEU C 273 -6.26 -13.37 -46.44
CA LEU C 273 -6.44 -12.16 -47.23
C LEU C 273 -5.10 -11.54 -47.60
N PHE C 274 -4.09 -11.72 -46.74
CA PHE C 274 -2.74 -11.32 -47.10
C PHE C 274 -2.20 -12.14 -48.26
N GLU C 275 -2.52 -13.44 -48.31
CA GLU C 275 -2.11 -14.27 -49.44
C GLU C 275 -2.73 -13.79 -50.73
N GLU C 276 -4.04 -13.48 -50.69
CA GLU C 276 -4.73 -12.94 -51.84
C GLU C 276 -4.12 -11.61 -52.29
N LYS C 277 -3.91 -10.69 -51.35
CA LYS C 277 -3.43 -9.36 -51.68
C LYS C 277 -1.98 -9.35 -52.14
N ILE C 278 -1.18 -10.35 -51.77
CA ILE C 278 0.16 -10.38 -52.35
C ILE C 278 0.23 -11.19 -53.63
N LYS C 279 -0.73 -12.09 -53.88
CA LYS C 279 -0.78 -12.71 -55.18
C LYS C 279 -1.34 -11.75 -56.23
N LYS C 280 -2.04 -10.71 -55.80
CA LYS C 280 -2.48 -9.69 -56.74
C LYS C 280 -1.55 -8.47 -56.75
N SER C 281 -1.23 -7.92 -55.59
CA SER C 281 -0.51 -6.65 -55.48
C SER C 281 0.92 -6.87 -54.97
N PRO C 282 1.87 -6.02 -55.34
CA PRO C 282 3.27 -6.27 -54.98
C PRO C 282 3.57 -5.91 -53.53
N LEU C 283 4.86 -5.98 -53.20
CA LEU C 283 5.34 -5.84 -51.83
C LEU C 283 6.33 -4.71 -51.63
N THR C 284 6.74 -4.01 -52.68
CA THR C 284 7.64 -2.87 -52.47
C THR C 284 6.90 -1.66 -51.94
N ILE C 285 5.58 -1.64 -52.04
CA ILE C 285 4.81 -0.46 -51.66
C ILE C 285 4.74 -0.32 -50.13
N CYS C 286 4.79 -1.42 -49.39
CA CYS C 286 4.80 -1.32 -47.95
C CYS C 286 6.18 -0.95 -47.44
N TYR C 287 7.18 -1.76 -47.75
CA TYR C 287 8.56 -1.51 -47.38
C TYR C 287 9.34 -1.30 -48.66
N PRO C 288 9.99 -0.15 -48.85
CA PRO C 288 10.55 0.16 -50.17
C PRO C 288 11.79 -0.65 -50.53
N GLU C 289 12.68 -0.87 -49.57
CA GLU C 289 14.02 -1.37 -49.85
C GLU C 289 14.10 -2.88 -49.92
N TYR C 290 13.01 -3.57 -50.21
CA TYR C 290 13.01 -5.02 -50.22
C TYR C 290 12.78 -5.59 -51.61
N ALA C 291 13.58 -6.59 -51.95
CA ALA C 291 13.39 -7.39 -53.16
C ALA C 291 13.46 -8.87 -52.78
N GLY C 292 12.34 -9.57 -52.94
CA GLY C 292 12.28 -10.99 -52.66
C GLY C 292 11.08 -11.58 -53.37
N SER C 293 10.75 -12.82 -53.00
CA SER C 293 9.67 -13.53 -53.67
C SER C 293 8.32 -12.98 -53.25
N ASN C 294 7.35 -13.07 -54.16
CA ASN C 294 5.96 -12.76 -53.82
C ASN C 294 5.20 -14.03 -53.45
N THR C 295 5.75 -14.72 -52.45
CA THR C 295 5.12 -15.89 -51.86
C THR C 295 4.66 -15.53 -50.45
N TYR C 296 3.71 -16.31 -49.93
CA TYR C 296 3.15 -16.01 -48.61
C TYR C 296 4.18 -16.21 -47.51
N GLU C 297 4.84 -17.37 -47.49
CA GLU C 297 5.65 -17.73 -46.34
C GLU C 297 6.88 -16.86 -46.23
N GLU C 298 7.46 -16.47 -47.36
CA GLU C 298 8.66 -15.64 -47.33
C GLU C 298 8.33 -14.20 -46.96
N ALA C 299 7.23 -13.67 -47.49
CA ALA C 299 6.84 -12.30 -47.15
C ALA C 299 6.36 -12.20 -45.71
N ALA C 300 5.65 -13.22 -45.23
CA ALA C 300 5.23 -13.26 -43.84
C ALA C 300 6.44 -13.37 -42.92
N ALA C 301 7.45 -14.13 -43.32
CA ALA C 301 8.69 -14.17 -42.56
C ALA C 301 9.42 -12.82 -42.59
N TYR C 302 9.31 -12.10 -43.69
CA TYR C 302 9.97 -10.79 -43.75
C TYR C 302 9.26 -9.77 -42.87
N ILE C 303 7.93 -9.85 -42.82
CA ILE C 303 7.17 -8.98 -41.92
C ILE C 303 7.47 -9.31 -40.47
N GLN C 304 7.53 -10.60 -40.14
CA GLN C 304 7.88 -11.03 -38.79
C GLN C 304 9.28 -10.57 -38.38
N CYS C 305 10.24 -10.68 -39.31
CA CYS C 305 11.60 -10.27 -39.00
C CYS C 305 11.74 -8.76 -38.94
N GLN C 306 10.86 -8.02 -39.63
CA GLN C 306 10.89 -6.57 -39.49
C GLN C 306 10.26 -6.12 -38.19
N PHE C 307 9.20 -6.81 -37.73
CA PHE C 307 8.62 -6.45 -36.44
C PHE C 307 9.55 -6.81 -35.29
N GLU C 308 10.05 -8.05 -35.23
CA GLU C 308 10.87 -8.45 -34.09
C GLU C 308 12.26 -7.83 -34.08
N ASP C 309 12.58 -6.95 -35.02
CA ASP C 309 13.86 -6.26 -35.01
C ASP C 309 13.77 -4.90 -34.34
N LEU C 310 12.56 -4.46 -33.96
CA LEU C 310 12.43 -3.14 -33.36
C LEU C 310 12.87 -3.07 -31.91
N ASN C 311 12.93 -4.20 -31.21
CA ASN C 311 13.32 -4.13 -29.80
C ASN C 311 14.80 -3.85 -29.69
N LYS C 312 15.13 -2.70 -29.10
CA LYS C 312 16.52 -2.34 -28.84
C LYS C 312 17.11 -3.21 -27.75
N ARG C 313 16.29 -3.88 -26.96
CA ARG C 313 16.73 -4.81 -25.95
C ARG C 313 16.21 -6.21 -26.28
N LYS C 314 17.08 -7.20 -26.16
CA LYS C 314 16.69 -8.60 -26.29
C LYS C 314 17.17 -9.45 -25.15
N ASP C 315 18.08 -8.95 -24.32
CA ASP C 315 18.49 -9.65 -23.11
C ASP C 315 17.44 -9.57 -22.01
N THR C 316 16.46 -8.70 -22.15
CA THR C 316 15.51 -8.42 -21.07
C THR C 316 14.15 -9.04 -21.31
N LYS C 317 13.67 -9.04 -22.56
CA LYS C 317 12.34 -9.54 -22.86
C LYS C 317 12.35 -10.27 -24.19
N GLU C 318 11.20 -10.79 -24.57
CA GLU C 318 11.17 -11.73 -25.69
C GLU C 318 9.82 -11.75 -26.37
N ILE C 319 9.82 -11.54 -27.67
CA ILE C 319 8.62 -11.36 -28.46
C ILE C 319 8.13 -12.71 -28.95
N TYR C 320 6.86 -12.98 -28.81
CA TYR C 320 6.27 -14.27 -29.14
C TYR C 320 5.33 -14.05 -30.32
N THR C 321 5.73 -14.47 -31.50
CA THR C 321 5.02 -14.14 -32.73
C THR C 321 4.15 -15.32 -33.14
N HIS C 322 2.94 -15.04 -33.60
CA HIS C 322 2.01 -16.06 -34.04
C HIS C 322 1.26 -15.57 -35.27
N PHE C 323 0.92 -16.49 -36.15
CA PHE C 323 0.06 -16.21 -37.29
C PHE C 323 -1.29 -16.87 -37.03
N THR C 324 -2.35 -16.06 -36.96
CA THR C 324 -3.61 -16.58 -36.48
C THR C 324 -4.27 -17.45 -37.54
N CYS C 325 -5.22 -18.26 -37.10
CA CYS C 325 -5.95 -19.15 -37.98
C CYS C 325 -7.21 -18.44 -38.46
N ALA C 326 -8.12 -19.19 -39.10
CA ALA C 326 -9.44 -18.63 -39.36
C ALA C 326 -10.21 -18.48 -38.05
N THR C 327 -10.50 -19.60 -37.39
CA THR C 327 -11.04 -19.62 -36.03
C THR C 327 -10.72 -20.98 -35.41
N ASP C 328 -9.89 -20.98 -34.37
CA ASP C 328 -9.41 -22.22 -33.78
C ASP C 328 -8.87 -21.92 -32.39
N THR C 329 -8.75 -22.97 -31.58
CA THR C 329 -8.25 -22.85 -30.22
C THR C 329 -6.73 -22.75 -30.14
N LYS C 330 -6.03 -22.88 -31.27
CA LYS C 330 -4.57 -22.69 -31.25
C LYS C 330 -4.20 -21.26 -30.89
N ASN C 331 -5.08 -20.31 -31.22
CA ASN C 331 -4.94 -18.91 -30.83
C ASN C 331 -4.84 -18.77 -29.30
N VAL C 332 -5.89 -19.20 -28.60
CA VAL C 332 -5.93 -19.05 -27.16
C VAL C 332 -4.91 -19.96 -26.48
N GLN C 333 -4.57 -21.09 -27.13
CA GLN C 333 -3.54 -21.97 -26.58
C GLN C 333 -2.16 -21.34 -26.69
N PHE C 334 -1.90 -20.60 -27.77
CA PHE C 334 -0.61 -19.91 -27.86
C PHE C 334 -0.54 -18.78 -26.87
N VAL C 335 -1.68 -18.15 -26.56
CA VAL C 335 -1.67 -17.12 -25.54
C VAL C 335 -1.30 -17.70 -24.18
N PHE C 336 -1.92 -18.82 -23.80
CA PHE C 336 -1.58 -19.33 -22.48
C PHE C 336 -0.21 -20.02 -22.43
N ASP C 337 0.25 -20.55 -23.56
CA ASP C 337 1.61 -21.10 -23.61
C ASP C 337 2.64 -19.99 -23.46
N ALA C 338 2.42 -18.86 -24.12
CA ALA C 338 3.29 -17.71 -23.98
C ALA C 338 3.25 -17.14 -22.57
N VAL C 339 2.06 -17.07 -21.97
CA VAL C 339 1.91 -16.58 -20.60
C VAL C 339 2.61 -17.51 -19.62
N THR C 340 2.54 -18.83 -19.87
CA THR C 340 3.22 -19.80 -19.01
C THR C 340 4.72 -19.64 -19.07
N ASP C 341 5.26 -19.42 -20.28
CA ASP C 341 6.70 -19.22 -20.41
C ASP C 341 7.14 -17.92 -19.75
N VAL C 342 6.29 -16.89 -19.80
CA VAL C 342 6.60 -15.61 -19.13
C VAL C 342 6.60 -15.77 -17.63
N ILE C 343 5.62 -16.50 -17.09
CA ILE C 343 5.53 -16.69 -15.64
C ILE C 343 6.69 -17.54 -15.13
N ILE C 344 7.09 -18.56 -15.91
CA ILE C 344 8.24 -19.39 -15.53
C ILE C 344 9.52 -18.57 -15.55
N LYS C 345 9.67 -17.67 -16.52
CA LYS C 345 10.91 -16.89 -16.53
C LYS C 345 10.92 -15.79 -15.47
N ASN C 346 9.75 -15.24 -15.12
CA ASN C 346 9.72 -14.32 -13.99
C ASN C 346 10.01 -15.03 -12.69
N ASN C 347 9.47 -16.23 -12.51
CA ASN C 347 9.72 -16.99 -11.29
C ASN C 347 11.18 -17.41 -11.19
N LEU C 348 11.80 -17.79 -12.31
CA LEU C 348 13.22 -18.11 -12.33
C LEU C 348 14.05 -16.89 -12.00
N LYS C 349 13.63 -15.70 -12.45
CA LYS C 349 14.38 -14.51 -12.13
C LYS C 349 14.23 -14.13 -10.68
N ASP C 350 13.08 -14.45 -10.08
CA ASP C 350 12.82 -14.05 -8.70
C ASP C 350 13.36 -15.06 -7.69
N CYS C 351 13.52 -16.32 -8.09
CA CYS C 351 14.08 -17.34 -7.21
C CYS C 351 15.59 -17.32 -7.16
N GLY C 352 16.24 -16.49 -7.96
CA GLY C 352 17.68 -16.37 -7.94
C GLY C 352 18.43 -17.26 -8.90
N LEU C 353 17.73 -18.10 -9.66
CA LEU C 353 18.40 -18.95 -10.63
C LEU C 353 18.76 -18.17 -11.88
N PHE C 354 17.76 -17.64 -12.58
CA PHE C 354 17.92 -16.91 -13.83
C PHE C 354 18.70 -15.62 -13.61
N GLU D 7 -9.43 34.52 -47.39
CA GLU D 7 -10.37 34.95 -46.36
C GLU D 7 -9.97 34.33 -45.04
N LEU D 8 -9.87 33.00 -45.04
CA LEU D 8 -9.46 32.29 -43.83
C LEU D 8 -7.97 32.49 -43.56
N ASP D 9 -7.18 32.69 -44.62
CA ASP D 9 -5.77 32.99 -44.43
C ASP D 9 -5.57 34.42 -43.96
N GLN D 10 -6.44 35.34 -44.41
CA GLN D 10 -6.55 36.66 -43.81
C GLN D 10 -6.90 36.55 -42.32
N LEU D 11 -7.74 35.58 -41.97
CA LEU D 11 -8.11 35.38 -40.58
C LEU D 11 -6.95 34.80 -39.78
N ARG D 12 -6.11 33.97 -40.42
CA ARG D 12 -4.87 33.51 -39.79
C ARG D 12 -3.93 34.67 -39.50
N GLN D 13 -3.76 35.56 -40.48
CA GLN D 13 -2.93 36.75 -40.29
C GLN D 13 -3.51 37.67 -39.22
N GLU D 14 -4.84 37.73 -39.13
CA GLU D 14 -5.49 38.54 -38.10
C GLU D 14 -5.26 37.95 -36.71
N ALA D 15 -5.29 36.62 -36.60
CA ALA D 15 -5.01 35.96 -35.32
C ALA D 15 -3.56 36.19 -34.90
N GLU D 16 -2.63 36.14 -35.86
CA GLU D 16 -1.23 36.42 -35.54
C GLU D 16 -1.03 37.89 -35.17
N GLN D 17 -1.79 38.79 -35.78
CA GLN D 17 -1.71 40.21 -35.41
C GLN D 17 -2.22 40.44 -33.99
N LEU D 18 -3.32 39.77 -33.63
CA LEU D 18 -3.84 39.86 -32.28
C LEU D 18 -2.86 39.29 -31.26
N LYS D 19 -2.22 38.18 -31.61
CA LYS D 19 -1.25 37.55 -30.72
C LYS D 19 -0.03 38.44 -30.50
N ASN D 20 0.44 39.09 -31.57
CA ASN D 20 1.56 40.02 -31.42
C ASN D 20 1.15 41.26 -30.63
N GLN D 21 -0.11 41.70 -30.79
CA GLN D 21 -0.64 42.78 -29.97
C GLN D 21 -0.66 42.41 -28.48
N ILE D 22 -1.06 41.18 -28.18
CA ILE D 22 -1.16 40.71 -26.80
C ILE D 22 0.22 40.66 -26.16
N ARG D 23 1.20 40.09 -26.88
CA ARG D 23 2.55 40.04 -26.30
C ARG D 23 3.18 41.41 -26.23
N ASP D 24 2.83 42.32 -27.16
CA ASP D 24 3.31 43.70 -27.09
C ASP D 24 2.77 44.40 -25.85
N ALA D 25 1.48 44.18 -25.54
CA ALA D 25 0.88 44.81 -24.37
C ALA D 25 1.49 44.28 -23.08
N ARG D 26 1.61 42.96 -22.96
CA ARG D 26 2.18 42.40 -21.73
C ARG D 26 3.68 42.62 -21.66
N LYS D 27 4.33 42.97 -22.77
CA LYS D 27 5.72 43.43 -22.71
C LYS D 27 5.80 44.89 -22.30
N ALA D 28 4.78 45.67 -22.66
CA ALA D 28 4.72 47.06 -22.21
C ALA D 28 4.45 47.14 -20.72
N CYS D 29 3.76 46.16 -20.16
CA CYS D 29 3.43 46.20 -18.75
C CYS D 29 4.56 45.70 -17.84
N ALA D 30 5.58 45.07 -18.39
CA ALA D 30 6.68 44.54 -17.58
C ALA D 30 7.70 45.63 -17.34
N ASP D 31 7.69 46.21 -16.14
CA ASP D 31 8.69 47.22 -15.83
C ASP D 31 9.90 46.64 -15.11
N ALA D 32 9.68 45.77 -14.12
CA ALA D 32 10.78 45.13 -13.41
C ALA D 32 10.31 43.76 -12.95
N THR D 33 11.18 42.77 -13.08
CA THR D 33 10.81 41.41 -12.72
C THR D 33 10.87 41.22 -11.20
N LEU D 34 10.52 40.01 -10.76
CA LEU D 34 10.39 39.73 -9.34
C LEU D 34 11.73 39.79 -8.61
N SER D 35 12.83 39.50 -9.32
CA SER D 35 14.13 39.43 -8.67
C SER D 35 14.65 40.80 -8.27
N GLN D 36 14.17 41.87 -8.91
CA GLN D 36 14.62 43.19 -8.49
C GLN D 36 13.90 43.66 -7.24
N ILE D 37 12.64 43.28 -7.05
CA ILE D 37 11.92 43.68 -5.85
C ILE D 37 12.33 42.82 -4.66
N THR D 38 12.18 41.50 -4.79
CA THR D 38 12.23 40.60 -3.65
C THR D 38 13.63 40.07 -3.35
N ASN D 39 14.68 40.82 -3.67
CA ASN D 39 16.00 40.43 -3.23
C ASN D 39 16.44 41.15 -1.96
N ASN D 40 15.74 42.22 -1.57
CA ASN D 40 16.06 42.90 -0.33
C ASN D 40 15.61 42.08 0.88
N ILE D 41 14.62 41.21 0.70
CA ILE D 41 14.12 40.36 1.77
C ILE D 41 15.15 39.31 2.14
N ASP D 42 15.42 39.19 3.44
CA ASP D 42 16.34 38.19 3.94
C ASP D 42 15.84 36.79 3.65
N PRO D 43 16.73 35.84 3.38
CA PRO D 43 16.30 34.50 2.94
C PRO D 43 15.65 33.71 4.06
N VAL D 44 14.95 32.65 3.66
CA VAL D 44 14.14 31.88 4.58
C VAL D 44 14.95 30.94 5.46
N GLY D 45 16.23 30.75 5.18
CA GLY D 45 17.02 29.78 5.89
C GLY D 45 16.75 28.37 5.41
N ARG D 46 17.50 27.43 5.97
CA ARG D 46 17.37 26.05 5.56
C ARG D 46 16.12 25.44 6.16
N ILE D 47 15.32 24.77 5.32
CA ILE D 47 14.11 24.09 5.76
C ILE D 47 14.43 22.61 5.91
N GLN D 48 14.30 22.09 7.12
CA GLN D 48 14.49 20.68 7.40
C GLN D 48 13.21 20.10 7.95
N MET D 49 12.72 19.03 7.34
CA MET D 49 11.49 18.39 7.78
C MET D 49 11.68 16.88 7.80
N ARG D 50 11.10 16.23 8.81
CA ARG D 50 11.18 14.79 8.97
C ARG D 50 9.81 14.16 8.76
N THR D 51 9.80 12.88 8.40
CA THR D 51 8.55 12.19 8.12
C THR D 51 7.85 11.92 9.44
N ARG D 52 6.89 12.76 9.82
CA ARG D 52 6.29 12.63 11.13
C ARG D 52 5.30 11.47 11.18
N ARG D 53 4.74 11.07 10.05
CA ARG D 53 4.00 9.83 9.98
C ARG D 53 4.32 9.12 8.67
N THR D 54 3.68 7.97 8.48
CA THR D 54 3.80 7.18 7.27
C THR D 54 2.57 6.30 7.17
N LEU D 55 1.79 6.47 6.12
CA LEU D 55 0.49 5.83 6.03
C LEU D 55 0.61 4.63 5.10
N ARG D 56 1.11 3.52 5.63
CA ARG D 56 1.41 2.35 4.80
C ARG D 56 0.18 1.45 4.70
N GLY D 57 -0.68 1.75 3.74
CA GLY D 57 -1.83 0.90 3.52
C GLY D 57 -2.05 0.39 2.12
N HIS D 58 -1.61 1.15 1.12
CA HIS D 58 -1.91 0.78 -0.26
C HIS D 58 -0.98 -0.30 -0.76
N LEU D 59 -1.42 -0.98 -1.80
CA LEU D 59 -0.66 -2.08 -2.38
C LEU D 59 -0.32 -1.85 -3.85
N ALA D 60 -0.41 -0.61 -4.32
CA ALA D 60 0.00 -0.27 -5.67
C ALA D 60 0.42 1.18 -5.67
N LYS D 61 0.75 1.69 -6.86
CA LYS D 61 1.18 3.07 -7.00
C LYS D 61 0.00 3.99 -6.70
N ILE D 62 0.20 4.97 -5.84
CA ILE D 62 -0.89 5.89 -5.59
C ILE D 62 -0.73 7.06 -6.53
N TYR D 63 -1.85 7.58 -7.01
CA TYR D 63 -1.83 8.67 -7.96
C TYR D 63 -2.38 9.98 -7.45
N ALA D 64 -3.12 9.99 -6.34
CA ALA D 64 -3.74 11.21 -5.90
C ALA D 64 -3.95 11.18 -4.40
N MET D 65 -4.26 12.36 -3.87
CA MET D 65 -4.38 12.60 -2.45
C MET D 65 -5.01 13.97 -2.27
N HIS D 66 -6.03 14.08 -1.44
CA HIS D 66 -6.55 15.39 -1.10
C HIS D 66 -6.87 15.44 0.38
N TRP D 67 -6.54 16.55 1.02
CA TRP D 67 -6.80 16.72 2.43
C TRP D 67 -8.27 16.99 2.70
N GLY D 68 -8.60 17.11 3.96
CA GLY D 68 -9.86 17.67 4.35
C GLY D 68 -9.69 19.11 4.75
N THR D 69 -10.80 19.84 4.81
CA THR D 69 -10.70 21.22 5.24
C THR D 69 -10.53 21.36 6.74
N ASP D 70 -10.65 20.29 7.50
CA ASP D 70 -10.29 20.27 8.90
C ASP D 70 -8.81 19.97 9.12
N SER D 71 -8.09 19.66 8.04
CA SER D 71 -6.67 19.31 8.05
C SER D 71 -6.36 18.12 8.95
N ARG D 72 -7.25 17.17 9.02
CA ARG D 72 -6.93 15.92 9.70
C ARG D 72 -7.24 14.69 8.89
N LEU D 73 -8.33 14.69 8.15
CA LEU D 73 -8.62 13.57 7.26
C LEU D 73 -7.99 13.84 5.90
N LEU D 74 -7.46 12.80 5.28
CA LEU D 74 -7.03 12.89 3.89
C LEU D 74 -7.48 11.65 3.14
N VAL D 75 -7.93 11.85 1.94
CA VAL D 75 -8.34 10.76 1.06
C VAL D 75 -7.15 10.42 0.19
N SER D 76 -7.00 9.16 -0.21
CA SER D 76 -5.85 8.79 -1.02
C SER D 76 -6.20 7.60 -1.89
N ALA D 77 -6.09 7.78 -3.19
CA ALA D 77 -6.50 6.77 -4.15
C ALA D 77 -5.28 6.14 -4.79
N SER D 78 -5.43 4.91 -5.24
CA SER D 78 -4.33 4.15 -5.79
C SER D 78 -4.85 3.17 -6.81
N GLN D 79 -3.92 2.56 -7.53
CA GLN D 79 -4.21 1.70 -8.67
C GLN D 79 -4.62 0.29 -8.26
N ASP D 80 -4.71 0.00 -6.97
CA ASP D 80 -5.13 -1.31 -6.51
C ASP D 80 -6.63 -1.40 -6.28
N GLY D 81 -7.40 -0.45 -6.80
CA GLY D 81 -8.84 -0.49 -6.68
C GLY D 81 -9.40 0.11 -5.42
N LYS D 82 -8.56 0.62 -4.53
CA LYS D 82 -9.00 1.16 -3.25
C LYS D 82 -8.72 2.65 -3.19
N LEU D 83 -9.57 3.36 -2.47
CA LEU D 83 -9.20 4.65 -1.93
C LEU D 83 -9.54 4.65 -0.45
N ILE D 84 -8.66 5.24 0.35
CA ILE D 84 -8.61 5.02 1.78
C ILE D 84 -8.55 6.35 2.48
N ILE D 85 -9.47 6.58 3.40
CA ILE D 85 -9.60 7.87 4.08
C ILE D 85 -8.83 7.76 5.40
N TRP D 86 -7.56 8.13 5.37
CA TRP D 86 -6.77 8.08 6.59
C TRP D 86 -7.19 9.15 7.57
N ASP D 87 -6.84 8.90 8.82
CA ASP D 87 -6.84 9.89 9.87
C ASP D 87 -5.38 10.23 10.09
N SER D 88 -4.99 11.44 9.76
CA SER D 88 -3.58 11.78 9.70
C SER D 88 -2.89 11.78 11.03
N TYR D 89 -3.61 11.97 12.13
CA TYR D 89 -2.95 12.03 13.43
C TYR D 89 -2.59 10.65 13.93
N THR D 90 -3.54 9.73 13.88
CA THR D 90 -3.40 8.41 14.46
C THR D 90 -3.06 7.33 13.45
N THR D 91 -2.89 7.70 12.17
CA THR D 91 -2.67 6.80 11.04
C THR D 91 -3.75 5.72 10.91
N ASN D 92 -4.98 6.02 11.32
CA ASN D 92 -6.05 5.05 11.24
C ASN D 92 -6.79 5.19 9.93
N LYS D 93 -7.20 4.07 9.38
CA LYS D 93 -8.00 4.05 8.18
C LYS D 93 -9.46 4.20 8.59
N VAL D 94 -10.04 5.38 8.42
CA VAL D 94 -11.42 5.53 8.86
C VAL D 94 -12.38 4.90 7.85
N HIS D 95 -11.93 4.72 6.62
CA HIS D 95 -12.72 4.08 5.57
C HIS D 95 -11.77 3.49 4.54
N ALA D 96 -12.29 2.55 3.76
CA ALA D 96 -11.61 2.09 2.57
C ALA D 96 -12.69 1.70 1.57
N ILE D 97 -12.71 2.37 0.44
CA ILE D 97 -13.83 2.32 -0.49
C ILE D 97 -13.43 1.45 -1.68
N PRO D 98 -14.11 0.35 -1.95
CA PRO D 98 -13.78 -0.47 -3.11
C PRO D 98 -14.30 0.19 -4.38
N LEU D 99 -13.40 0.50 -5.29
CA LEU D 99 -13.78 1.17 -6.52
C LEU D 99 -14.24 0.15 -7.54
N ARG D 100 -14.94 0.63 -8.57
CA ARG D 100 -15.48 -0.29 -9.56
C ARG D 100 -14.48 -0.56 -10.68
N SER D 101 -13.62 0.41 -10.98
CA SER D 101 -12.54 0.22 -11.93
C SER D 101 -11.25 0.65 -11.26
N SER D 102 -10.20 -0.16 -11.44
CA SER D 102 -8.97 0.06 -10.70
C SER D 102 -8.20 1.27 -11.18
N TRP D 103 -8.45 1.72 -12.40
CA TRP D 103 -7.57 2.70 -13.05
C TRP D 103 -8.03 4.08 -12.63
N VAL D 104 -7.27 4.72 -11.73
CA VAL D 104 -7.72 5.91 -11.02
C VAL D 104 -6.62 6.95 -11.07
N MET D 105 -6.89 8.06 -11.74
CA MET D 105 -5.91 9.12 -11.92
C MET D 105 -6.00 10.21 -10.87
N THR D 106 -7.18 10.45 -10.31
CA THR D 106 -7.39 11.57 -9.39
C THR D 106 -8.40 11.21 -8.32
N CYS D 107 -8.40 12.04 -7.26
CA CYS D 107 -9.41 11.94 -6.22
C CYS D 107 -9.53 13.27 -5.50
N ALA D 108 -10.67 13.48 -4.87
CA ALA D 108 -10.97 14.75 -4.24
C ALA D 108 -11.85 14.55 -3.02
N TYR D 109 -11.73 15.46 -2.06
CA TYR D 109 -12.44 15.41 -0.79
C TYR D 109 -13.23 16.70 -0.66
N ALA D 110 -14.56 16.59 -0.61
CA ALA D 110 -15.45 17.74 -0.59
C ALA D 110 -15.21 18.61 0.64
N PRO D 111 -15.45 19.92 0.55
CA PRO D 111 -15.13 20.78 1.70
C PRO D 111 -16.11 20.66 2.83
N SER D 112 -17.28 20.05 2.61
CA SER D 112 -18.14 19.70 3.72
C SER D 112 -17.59 18.53 4.49
N GLY D 113 -16.95 17.60 3.80
CA GLY D 113 -16.54 16.34 4.38
C GLY D 113 -17.53 15.24 4.19
N ASN D 114 -18.56 15.46 3.38
CA ASN D 114 -19.61 14.47 3.20
C ASN D 114 -19.37 13.58 1.99
N TYR D 115 -18.59 14.04 1.02
CA TYR D 115 -18.48 13.38 -0.27
C TYR D 115 -17.02 13.27 -0.65
N VAL D 116 -16.70 12.25 -1.45
CA VAL D 116 -15.43 12.15 -2.14
C VAL D 116 -15.72 11.94 -3.62
N ALA D 117 -14.67 11.99 -4.42
CA ALA D 117 -14.79 11.71 -5.84
C ALA D 117 -13.52 11.04 -6.31
N CYS D 118 -13.61 10.33 -7.42
CA CYS D 118 -12.45 9.71 -8.05
C CYS D 118 -12.77 9.42 -9.50
N GLY D 119 -11.77 9.56 -10.34
CA GLY D 119 -11.93 9.25 -11.76
C GLY D 119 -10.60 8.91 -12.36
N GLY D 120 -10.63 8.04 -13.37
CA GLY D 120 -9.41 7.68 -14.06
C GLY D 120 -9.64 7.41 -15.53
N LEU D 121 -9.14 6.29 -16.01
CA LEU D 121 -9.32 5.88 -17.40
C LEU D 121 -10.73 5.45 -17.72
N ASP D 122 -11.60 5.32 -16.73
CA ASP D 122 -12.99 4.93 -16.94
C ASP D 122 -13.88 6.07 -17.41
N ASN D 123 -13.33 7.29 -17.49
CA ASN D 123 -13.98 8.53 -17.91
C ASN D 123 -15.16 8.93 -17.03
N ILE D 124 -15.20 8.50 -15.78
CA ILE D 124 -16.35 8.75 -14.91
C ILE D 124 -15.83 9.24 -13.57
N CYS D 125 -16.29 10.43 -13.15
CA CYS D 125 -15.90 10.98 -11.85
C CYS D 125 -16.96 10.58 -10.85
N SER D 126 -16.87 9.36 -10.33
CA SER D 126 -17.85 8.79 -9.42
C SER D 126 -17.82 9.51 -8.09
N ILE D 127 -18.96 9.54 -7.40
CA ILE D 127 -19.11 10.31 -6.17
C ILE D 127 -19.69 9.41 -5.08
N TYR D 128 -19.03 9.39 -3.92
CA TYR D 128 -19.36 8.50 -2.83
C TYR D 128 -19.88 9.29 -1.64
N ASN D 129 -20.89 8.75 -0.98
CA ASN D 129 -21.56 9.42 0.12
C ASN D 129 -21.01 8.86 1.42
N LEU D 130 -20.18 9.64 2.11
CA LEU D 130 -19.51 9.12 3.30
C LEU D 130 -20.44 9.09 4.50
N LYS D 131 -21.37 10.03 4.58
CA LYS D 131 -22.22 10.18 5.76
C LYS D 131 -23.55 9.50 5.47
N THR D 132 -23.53 8.19 5.38
CA THR D 132 -24.76 7.44 5.17
C THR D 132 -25.33 6.99 6.51
N ARG D 133 -26.61 6.65 6.49
CA ARG D 133 -27.27 6.07 7.65
C ARG D 133 -27.15 4.56 7.65
N GLU D 134 -26.99 3.96 6.47
CA GLU D 134 -26.83 2.52 6.35
C GLU D 134 -25.47 2.03 6.79
N GLY D 135 -24.57 2.91 7.20
CA GLY D 135 -23.31 2.52 7.79
C GLY D 135 -22.17 2.29 6.82
N ASN D 136 -22.45 2.25 5.51
CA ASN D 136 -21.43 2.00 4.51
C ASN D 136 -21.38 3.15 3.53
N VAL D 137 -20.22 3.30 2.87
CA VAL D 137 -20.13 4.21 1.75
C VAL D 137 -20.85 3.61 0.56
N ARG D 138 -21.32 4.46 -0.34
CA ARG D 138 -22.02 4.00 -1.52
C ARG D 138 -21.93 5.08 -2.58
N VAL D 139 -22.01 4.64 -3.84
CA VAL D 139 -21.83 5.56 -4.96
C VAL D 139 -23.07 6.42 -5.07
N SER D 140 -22.88 7.73 -5.05
CA SER D 140 -24.03 8.61 -5.16
C SER D 140 -24.41 8.84 -6.62
N ARG D 141 -23.49 9.40 -7.41
CA ARG D 141 -23.74 9.62 -8.83
C ARG D 141 -22.54 9.18 -9.65
N GLU D 142 -22.82 8.54 -10.77
CA GLU D 142 -21.86 8.23 -11.80
C GLU D 142 -21.94 9.35 -12.83
N LEU D 143 -20.88 10.12 -12.97
CA LEU D 143 -20.89 11.25 -13.91
C LEU D 143 -20.24 10.86 -15.22
N ALA D 144 -21.03 10.72 -16.27
CA ALA D 144 -20.53 10.25 -17.55
C ALA D 144 -20.65 11.34 -18.61
N GLY D 145 -20.06 11.07 -19.77
CA GLY D 145 -20.14 11.96 -20.90
C GLY D 145 -18.90 12.76 -21.17
N HIS D 146 -17.71 12.17 -21.02
CA HIS D 146 -16.54 13.03 -20.91
C HIS D 146 -15.40 12.50 -21.78
N THR D 147 -15.55 11.26 -22.27
CA THR D 147 -14.74 10.56 -23.31
C THR D 147 -13.23 10.82 -23.27
N GLY D 148 -12.64 10.75 -22.07
CA GLY D 148 -11.20 10.76 -21.93
C GLY D 148 -10.90 10.53 -20.48
N TYR D 149 -9.64 10.24 -20.18
CA TYR D 149 -9.26 10.01 -18.81
C TYR D 149 -9.40 11.31 -18.02
N LEU D 150 -9.70 11.17 -16.74
CA LEU D 150 -9.93 12.33 -15.88
C LEU D 150 -8.64 12.76 -15.22
N SER D 151 -8.20 13.97 -15.50
CA SER D 151 -6.97 14.42 -14.88
C SER D 151 -7.19 14.87 -13.45
N CYS D 152 -8.30 15.56 -13.19
CA CYS D 152 -8.53 16.11 -11.87
C CYS D 152 -10.02 16.32 -11.69
N CYS D 153 -10.48 16.18 -10.45
CA CYS D 153 -11.83 16.54 -10.02
C CYS D 153 -11.66 17.44 -8.81
N ARG D 154 -12.48 18.49 -8.70
CA ARG D 154 -12.52 19.31 -7.48
C ARG D 154 -13.96 19.63 -7.13
N PHE D 155 -14.26 19.67 -5.83
CA PHE D 155 -15.58 20.06 -5.35
C PHE D 155 -15.64 21.56 -5.12
N LEU D 156 -16.70 22.18 -5.63
CA LEU D 156 -16.96 23.58 -5.32
C LEU D 156 -17.83 23.71 -4.07
N ASP D 157 -18.98 23.05 -4.11
CA ASP D 157 -19.91 22.95 -2.99
C ASP D 157 -20.26 21.49 -2.91
N ASP D 158 -21.30 21.12 -2.19
CA ASP D 158 -21.69 19.71 -2.22
C ASP D 158 -22.42 19.32 -3.49
N ASN D 159 -22.75 20.28 -4.35
CA ASN D 159 -23.54 19.97 -5.53
C ASN D 159 -22.84 20.36 -6.82
N GLN D 160 -21.66 20.97 -6.74
CA GLN D 160 -20.93 21.43 -7.91
C GLN D 160 -19.51 20.89 -7.91
N ILE D 161 -19.11 20.32 -9.04
CA ILE D 161 -17.81 19.69 -9.22
C ILE D 161 -17.29 20.01 -10.62
N VAL D 162 -16.06 20.49 -10.71
CA VAL D 162 -15.38 20.70 -11.99
C VAL D 162 -14.45 19.53 -12.23
N THR D 163 -14.25 19.18 -13.49
CA THR D 163 -13.33 18.12 -13.86
C THR D 163 -12.37 18.60 -14.95
N SER D 164 -11.45 17.71 -15.32
CA SER D 164 -10.36 17.99 -16.23
C SER D 164 -10.06 16.71 -17.00
N SER D 165 -10.32 16.72 -18.30
CA SER D 165 -10.48 15.51 -19.06
C SER D 165 -9.28 15.16 -19.92
N GLY D 166 -9.48 14.17 -20.76
CA GLY D 166 -8.58 13.78 -21.82
C GLY D 166 -9.02 14.15 -23.21
N ASP D 167 -10.21 14.74 -23.38
CA ASP D 167 -10.59 15.32 -24.66
C ASP D 167 -10.52 16.83 -24.63
N THR D 168 -9.51 17.36 -23.95
CA THR D 168 -9.08 18.77 -23.97
C THR D 168 -10.12 19.71 -23.36
N THR D 169 -11.09 19.18 -22.62
CA THR D 169 -12.14 20.03 -22.08
C THR D 169 -12.20 19.92 -20.56
N CYS D 170 -12.76 20.95 -19.94
CA CYS D 170 -13.16 20.91 -18.55
C CYS D 170 -14.68 20.99 -18.55
N ALA D 171 -15.27 20.78 -17.38
CA ALA D 171 -16.73 20.81 -17.33
C ALA D 171 -17.14 21.25 -15.94
N LEU D 172 -18.45 21.44 -15.77
CA LEU D 172 -19.03 21.76 -14.48
C LEU D 172 -20.32 20.98 -14.34
N TRP D 173 -20.41 20.16 -13.31
CA TRP D 173 -21.60 19.34 -13.11
C TRP D 173 -22.49 19.88 -12.00
N ASP D 174 -23.76 19.54 -12.10
CA ASP D 174 -24.66 19.58 -10.98
C ASP D 174 -24.92 18.13 -10.60
N ILE D 175 -24.52 17.76 -9.39
CA ILE D 175 -24.48 16.36 -9.01
C ILE D 175 -25.89 15.80 -8.85
N GLU D 176 -26.82 16.63 -8.38
CA GLU D 176 -28.19 16.17 -8.16
C GLU D 176 -28.90 15.82 -9.46
N THR D 177 -28.64 16.58 -10.52
CA THR D 177 -29.23 16.25 -11.81
C THR D 177 -28.38 15.21 -12.55
N GLY D 178 -27.06 15.33 -12.45
CA GLY D 178 -26.17 14.43 -13.15
C GLY D 178 -25.71 14.92 -14.50
N GLN D 179 -26.17 16.09 -14.93
CA GLN D 179 -25.86 16.65 -16.23
C GLN D 179 -24.82 17.74 -16.10
N GLN D 180 -23.92 17.82 -17.07
CA GLN D 180 -22.88 18.85 -17.03
C GLN D 180 -23.46 20.18 -17.48
N THR D 181 -23.28 21.21 -16.66
CA THR D 181 -23.87 22.49 -16.97
C THR D 181 -23.07 23.22 -18.04
N THR D 182 -21.81 23.51 -17.75
CA THR D 182 -21.04 24.42 -18.59
C THR D 182 -19.76 23.75 -19.04
N THR D 183 -19.68 23.36 -20.31
CA THR D 183 -18.54 22.70 -20.89
C THR D 183 -17.50 23.74 -21.27
N PHE D 184 -16.25 23.49 -20.93
CA PHE D 184 -15.17 24.44 -21.12
C PHE D 184 -14.29 23.96 -22.25
N THR D 185 -14.47 24.51 -23.44
CA THR D 185 -13.72 24.13 -24.61
C THR D 185 -12.70 25.22 -24.93
N GLY D 186 -11.56 24.80 -25.46
CA GLY D 186 -10.55 25.78 -25.81
C GLY D 186 -9.12 25.35 -25.67
N HIS D 187 -8.86 24.21 -25.08
CA HIS D 187 -7.52 23.65 -25.09
C HIS D 187 -7.28 22.83 -26.34
N THR D 188 -6.02 22.67 -26.70
CA THR D 188 -5.64 21.90 -27.88
C THR D 188 -5.11 20.52 -27.52
N GLY D 189 -4.24 20.43 -26.52
CA GLY D 189 -3.83 19.15 -25.96
C GLY D 189 -4.61 18.91 -24.69
N ASP D 190 -4.74 17.66 -24.27
CA ASP D 190 -5.64 17.33 -23.17
C ASP D 190 -5.12 17.88 -21.84
N VAL D 191 -6.05 18.18 -20.96
CA VAL D 191 -5.76 18.89 -19.73
C VAL D 191 -5.27 17.93 -18.66
N MET D 192 -4.41 18.44 -17.79
CA MET D 192 -3.67 17.63 -16.85
C MET D 192 -3.86 18.02 -15.39
N SER D 193 -4.26 19.25 -15.11
CA SER D 193 -4.55 19.64 -13.75
C SER D 193 -5.66 20.67 -13.74
N LEU D 194 -5.89 21.22 -12.56
CA LEU D 194 -7.04 22.07 -12.27
C LEU D 194 -6.84 22.62 -10.88
N SER D 195 -7.24 23.85 -10.67
CA SER D 195 -7.01 24.47 -9.37
C SER D 195 -8.06 25.54 -9.13
N LEU D 196 -9.04 25.26 -8.28
CA LEU D 196 -10.04 26.26 -7.92
C LEU D 196 -9.40 27.42 -7.16
N ALA D 197 -9.99 28.59 -7.32
CA ALA D 197 -9.59 29.77 -6.56
C ALA D 197 -10.10 29.65 -5.15
N PRO D 198 -9.55 30.42 -4.20
CA PRO D 198 -10.12 30.39 -2.84
C PRO D 198 -11.56 30.86 -2.74
N ASP D 199 -11.96 31.80 -3.58
CA ASP D 199 -13.34 32.28 -3.59
C ASP D 199 -14.22 31.57 -4.60
N THR D 200 -13.66 30.64 -5.37
CA THR D 200 -14.35 29.74 -6.31
C THR D 200 -15.18 30.47 -7.36
N ARG D 201 -14.81 31.70 -7.71
CA ARG D 201 -15.43 32.34 -8.85
C ARG D 201 -14.78 31.92 -10.15
N LEU D 202 -13.52 31.52 -10.09
CA LEU D 202 -12.75 31.15 -11.27
C LEU D 202 -11.77 30.05 -10.89
N PHE D 203 -11.07 29.53 -11.89
CA PHE D 203 -10.06 28.50 -11.66
C PHE D 203 -9.08 28.50 -12.82
N VAL D 204 -8.01 27.73 -12.66
CA VAL D 204 -6.93 27.66 -13.64
C VAL D 204 -6.69 26.21 -13.99
N SER D 205 -6.63 25.90 -15.27
CA SER D 205 -6.38 24.54 -15.74
C SER D 205 -5.18 24.50 -16.67
N GLY D 206 -4.46 23.39 -16.62
CA GLY D 206 -3.27 23.22 -17.44
C GLY D 206 -3.34 22.05 -18.38
N ALA D 207 -2.58 22.05 -19.47
CA ALA D 207 -2.75 21.03 -20.49
C ALA D 207 -1.43 20.74 -21.16
N CYS D 208 -1.49 19.90 -22.19
CA CYS D 208 -0.34 19.56 -23.01
C CYS D 208 0.03 20.64 -24.01
N ASP D 209 -0.67 21.75 -24.03
CA ASP D 209 -0.31 22.88 -24.85
C ASP D 209 0.77 23.74 -24.23
N ALA D 210 1.18 23.42 -23.01
CA ALA D 210 1.91 24.31 -22.10
C ALA D 210 1.18 25.64 -21.92
N SER D 211 -0.15 25.59 -21.86
CA SER D 211 -0.98 26.79 -21.78
C SER D 211 -1.92 26.68 -20.60
N ALA D 212 -1.59 27.36 -19.51
CA ALA D 212 -2.52 27.50 -18.40
C ALA D 212 -3.56 28.56 -18.76
N LYS D 213 -4.83 28.24 -18.54
CA LYS D 213 -5.91 29.16 -18.85
C LYS D 213 -6.70 29.50 -17.60
N LEU D 214 -7.06 30.77 -17.47
CA LEU D 214 -7.86 31.28 -16.36
C LEU D 214 -9.31 31.29 -16.77
N TRP D 215 -10.03 30.23 -16.44
CA TRP D 215 -11.43 30.14 -16.83
C TRP D 215 -12.28 30.97 -15.89
N ASP D 216 -13.58 30.90 -16.09
CA ASP D 216 -14.54 31.58 -15.23
C ASP D 216 -15.72 30.67 -15.01
N VAL D 217 -16.06 30.43 -13.74
CA VAL D 217 -17.01 29.37 -13.40
C VAL D 217 -18.42 29.79 -13.76
N ARG D 218 -18.80 31.02 -13.41
CA ARG D 218 -20.18 31.46 -13.59
C ARG D 218 -20.50 31.69 -15.06
N GLU D 219 -19.67 32.46 -15.74
CA GLU D 219 -19.94 32.84 -17.13
C GLU D 219 -19.72 31.67 -18.08
N GLY D 220 -18.55 31.06 -18.05
CA GLY D 220 -18.29 29.86 -18.82
C GLY D 220 -17.33 30.00 -19.98
N MET D 221 -16.60 31.10 -20.07
CA MET D 221 -15.59 31.24 -21.12
C MET D 221 -14.25 31.52 -20.47
N CYS D 222 -13.19 31.21 -21.20
CA CYS D 222 -11.84 31.52 -20.76
C CYS D 222 -11.66 33.02 -20.70
N ARG D 223 -10.82 33.46 -19.78
CA ARG D 223 -10.48 34.89 -19.71
C ARG D 223 -9.07 35.17 -20.19
N GLN D 224 -8.08 34.50 -19.64
CA GLN D 224 -6.68 34.76 -19.91
C GLN D 224 -6.02 33.44 -20.24
N THR D 225 -5.06 33.44 -21.15
CA THR D 225 -4.30 32.25 -21.50
C THR D 225 -2.83 32.53 -21.30
N PHE D 226 -2.16 31.68 -20.56
CA PHE D 226 -0.79 31.90 -20.14
C PHE D 226 0.12 30.89 -20.81
N THR D 227 1.14 31.38 -21.51
CA THR D 227 2.14 30.48 -22.07
C THR D 227 3.49 30.78 -21.47
N GLY D 228 4.47 29.93 -21.73
CA GLY D 228 5.79 30.13 -21.21
C GLY D 228 6.52 28.88 -20.76
N HIS D 229 5.93 27.71 -20.90
CA HIS D 229 6.61 26.44 -20.67
C HIS D 229 6.96 25.83 -22.01
N GLU D 230 8.07 25.10 -22.06
CA GLU D 230 8.44 24.41 -23.30
C GLU D 230 7.46 23.28 -23.60
N SER D 231 7.34 22.32 -22.69
CA SER D 231 6.46 21.19 -22.89
C SER D 231 5.36 21.20 -21.84
N ASP D 232 4.63 20.10 -21.83
CA ASP D 232 3.43 19.82 -21.04
C ASP D 232 3.53 20.23 -19.58
N ILE D 233 2.42 20.72 -19.02
CA ILE D 233 2.34 21.10 -17.63
C ILE D 233 1.40 20.14 -16.91
N ASN D 234 1.78 19.75 -15.70
CA ASN D 234 1.15 18.66 -14.98
C ASN D 234 0.51 19.08 -13.67
N ALA D 235 0.66 20.32 -13.26
CA ALA D 235 0.30 20.72 -11.91
C ALA D 235 0.11 22.21 -11.82
N ILE D 236 -1.05 22.64 -11.33
CA ILE D 236 -1.33 24.04 -11.09
C ILE D 236 -1.88 24.18 -9.68
N CYS D 237 -1.34 25.12 -8.92
CA CYS D 237 -1.89 25.46 -7.61
C CYS D 237 -1.94 26.97 -7.48
N PHE D 238 -3.10 27.51 -7.11
CA PHE D 238 -3.22 28.94 -6.83
C PHE D 238 -2.34 29.38 -5.67
N PHE D 239 -1.80 30.59 -5.82
CA PHE D 239 -1.24 31.34 -4.71
C PHE D 239 -2.38 31.63 -3.74
N PRO D 240 -2.11 31.71 -2.44
CA PRO D 240 -3.20 31.87 -1.46
C PRO D 240 -3.97 33.16 -1.56
N ASN D 241 -3.40 34.22 -2.14
CA ASN D 241 -4.17 35.44 -2.34
C ASN D 241 -5.21 35.29 -3.43
N GLY D 242 -5.06 34.29 -4.30
CA GLY D 242 -5.93 34.14 -5.43
C GLY D 242 -5.57 35.01 -6.61
N ASN D 243 -4.43 35.69 -6.57
CA ASN D 243 -4.01 36.58 -7.63
C ASN D 243 -2.80 36.07 -8.39
N ALA D 244 -2.40 34.82 -8.17
CA ALA D 244 -1.31 34.20 -8.89
C ALA D 244 -1.49 32.69 -8.79
N PHE D 245 -0.63 31.96 -9.49
CA PHE D 245 -0.61 30.51 -9.40
C PHE D 245 0.72 30.01 -9.93
N ALA D 246 1.23 28.94 -9.33
CA ALA D 246 2.43 28.29 -9.84
C ALA D 246 2.03 27.19 -10.80
N THR D 247 3.00 26.69 -11.55
CA THR D 247 2.73 25.73 -12.61
C THR D 247 3.90 24.79 -12.77
N GLY D 248 3.66 23.48 -12.62
CA GLY D 248 4.70 22.48 -12.75
C GLY D 248 4.58 21.74 -14.07
N SER D 249 5.72 21.52 -14.71
CA SER D 249 5.76 21.03 -16.09
C SER D 249 6.73 19.88 -16.21
N ASP D 250 6.81 19.32 -17.41
CA ASP D 250 7.82 18.30 -17.69
C ASP D 250 9.17 18.90 -18.03
N ASP D 251 9.38 20.18 -17.82
CA ASP D 251 10.59 20.86 -18.24
C ASP D 251 11.51 21.16 -17.09
N ALA D 252 11.28 20.54 -15.93
CA ALA D 252 11.97 20.82 -14.66
C ALA D 252 11.88 22.29 -14.27
N THR D 253 10.79 22.95 -14.65
CA THR D 253 10.60 24.37 -14.41
C THR D 253 9.25 24.59 -13.77
N CYS D 254 9.25 25.22 -12.59
CA CYS D 254 8.05 25.82 -12.04
C CYS D 254 8.06 27.29 -12.40
N ARG D 255 6.90 27.83 -12.75
CA ARG D 255 6.79 29.21 -13.20
C ARG D 255 5.52 29.78 -12.60
N LEU D 256 5.62 30.75 -11.69
CA LEU D 256 4.40 31.34 -11.17
C LEU D 256 3.97 32.49 -12.06
N PHE D 257 2.73 32.46 -12.47
CA PHE D 257 2.16 33.45 -13.36
C PHE D 257 1.35 34.43 -12.53
N ASP D 258 1.04 35.59 -13.08
CA ASP D 258 0.23 36.56 -12.37
C ASP D 258 -1.09 36.74 -13.11
N LEU D 259 -2.16 36.98 -12.36
CA LEU D 259 -3.46 37.11 -13.01
C LEU D 259 -3.75 38.55 -13.38
N ARG D 260 -3.36 39.49 -12.53
CA ARG D 260 -3.54 40.90 -12.84
C ARG D 260 -2.63 41.34 -13.97
N ALA D 261 -1.33 41.05 -13.85
CA ALA D 261 -0.33 41.45 -14.82
C ALA D 261 -0.30 40.58 -16.06
N ASP D 262 -1.02 39.46 -16.07
CA ASP D 262 -1.29 38.63 -17.24
C ASP D 262 -0.04 38.02 -17.87
N GLN D 263 1.05 37.85 -17.11
CA GLN D 263 2.23 37.26 -17.71
C GLN D 263 3.00 36.45 -16.68
N GLU D 264 4.02 35.75 -17.15
CA GLU D 264 4.92 34.98 -16.30
C GLU D 264 5.74 35.89 -15.40
N LEU D 265 5.95 35.47 -14.16
CA LEU D 265 6.65 36.30 -13.19
C LEU D 265 8.00 35.74 -12.77
N MET D 266 8.09 34.45 -12.42
CA MET D 266 9.33 33.91 -11.88
C MET D 266 9.55 32.51 -12.45
N THR D 267 10.81 32.08 -12.47
CA THR D 267 11.22 30.78 -13.00
C THR D 267 11.91 29.99 -11.90
N TYR D 268 11.55 28.72 -11.77
CA TYR D 268 12.15 27.85 -10.76
C TYR D 268 12.80 26.66 -11.45
N SER D 269 14.11 26.70 -11.62
CA SER D 269 14.80 25.60 -12.25
C SER D 269 16.21 25.54 -11.69
N HIS D 270 16.85 24.39 -11.89
CA HIS D 270 18.18 24.15 -11.37
C HIS D 270 18.90 23.23 -12.34
N ASP D 271 20.23 23.32 -12.34
CA ASP D 271 21.02 22.56 -13.30
C ASP D 271 21.06 21.08 -12.97
N ASN D 272 21.05 20.73 -11.68
CA ASN D 272 21.17 19.34 -11.27
C ASN D 272 19.85 18.57 -11.36
N ILE D 273 18.73 19.23 -11.68
CA ILE D 273 17.47 18.54 -11.91
C ILE D 273 17.05 18.72 -13.36
N ILE D 274 16.59 17.63 -13.98
CA ILE D 274 16.20 17.63 -15.38
C ILE D 274 14.86 16.91 -15.52
N CYS D 275 14.41 16.29 -14.44
CA CYS D 275 13.25 15.43 -14.49
C CYS D 275 11.96 16.24 -14.48
N GLY D 276 10.84 15.53 -14.61
CA GLY D 276 9.56 16.20 -14.68
C GLY D 276 8.99 16.54 -13.31
N ILE D 277 7.92 17.34 -13.32
CA ILE D 277 7.23 17.74 -12.10
C ILE D 277 5.83 17.18 -12.14
N THR D 278 5.42 16.52 -11.07
CA THR D 278 4.12 15.88 -11.02
C THR D 278 3.11 16.61 -10.17
N SER D 279 3.51 17.35 -9.14
CA SER D 279 2.55 18.08 -8.36
C SER D 279 3.19 19.29 -7.73
N VAL D 280 2.43 20.39 -7.63
CA VAL D 280 2.85 21.55 -6.85
C VAL D 280 1.74 21.93 -5.88
N SER D 281 2.14 22.59 -4.80
CA SER D 281 1.22 23.23 -3.88
C SER D 281 2.01 24.25 -3.07
N PHE D 282 1.33 25.33 -2.68
CA PHE D 282 1.94 26.39 -1.91
C PHE D 282 1.85 26.11 -0.42
N SER D 283 2.51 26.95 0.37
CA SER D 283 2.29 26.97 1.79
C SER D 283 1.08 27.81 2.13
N LYS D 284 0.87 28.10 3.41
CA LYS D 284 -0.31 28.88 3.78
C LYS D 284 -0.07 30.36 3.55
N SER D 285 1.12 30.86 3.89
CA SER D 285 1.41 32.26 3.62
C SER D 285 1.73 32.50 2.16
N GLY D 286 2.32 31.51 1.49
CA GLY D 286 2.71 31.65 0.12
C GLY D 286 4.21 31.82 -0.09
N ARG D 287 4.99 31.81 0.99
CA ARG D 287 6.41 32.13 0.88
C ARG D 287 7.20 31.00 0.25
N LEU D 288 6.75 29.77 0.43
CA LEU D 288 7.51 28.62 -0.08
C LEU D 288 6.56 27.69 -0.80
N LEU D 289 6.92 27.28 -2.00
CA LEU D 289 6.09 26.37 -2.77
C LEU D 289 6.80 25.03 -2.86
N LEU D 290 6.03 23.97 -2.81
CA LEU D 290 6.55 22.61 -2.72
C LEU D 290 6.30 21.91 -4.03
N ALA D 291 7.35 21.47 -4.70
CA ALA D 291 7.24 20.85 -6.00
C ALA D 291 7.58 19.37 -5.91
N GLY D 292 6.75 18.54 -6.54
CA GLY D 292 6.94 17.11 -6.48
C GLY D 292 7.48 16.50 -7.76
N TYR D 293 8.76 16.17 -7.73
CA TYR D 293 9.53 15.71 -8.88
C TYR D 293 9.47 14.20 -9.00
N ASP D 294 9.89 13.68 -10.15
CA ASP D 294 10.22 12.27 -10.23
C ASP D 294 11.72 12.01 -10.28
N ASP D 295 12.49 12.84 -9.58
CA ASP D 295 13.82 12.51 -9.10
C ASP D 295 13.73 11.78 -7.77
N PHE D 296 12.52 11.36 -7.39
CA PHE D 296 12.07 10.59 -6.23
C PHE D 296 11.93 11.49 -5.00
N ASN D 297 12.19 12.78 -5.10
CA ASN D 297 12.17 13.65 -3.93
C ASN D 297 11.48 14.97 -4.25
N CYS D 298 10.92 15.58 -3.21
CA CYS D 298 10.27 16.87 -3.34
C CYS D 298 11.27 17.95 -2.98
N ASN D 299 11.25 19.05 -3.71
CA ASN D 299 12.13 20.17 -3.41
C ASN D 299 11.29 21.34 -2.95
N VAL D 300 11.90 22.20 -2.14
CA VAL D 300 11.20 23.28 -1.47
C VAL D 300 11.76 24.60 -1.98
N TRP D 301 10.96 25.32 -2.74
CA TRP D 301 11.40 26.53 -3.42
C TRP D 301 10.89 27.75 -2.67
N ASP D 302 11.80 28.63 -2.28
CA ASP D 302 11.44 29.95 -1.80
C ASP D 302 10.71 30.69 -2.91
N ALA D 303 9.44 31.00 -2.70
CA ALA D 303 8.64 31.51 -3.79
C ALA D 303 8.93 32.96 -4.13
N LEU D 304 9.71 33.68 -3.33
CA LEU D 304 9.99 35.06 -3.65
C LEU D 304 11.42 35.30 -4.12
N LYS D 305 12.39 34.57 -3.60
CA LYS D 305 13.79 34.73 -3.99
C LYS D 305 14.30 33.60 -4.88
N ALA D 306 13.46 32.59 -5.13
CA ALA D 306 13.75 31.46 -6.04
C ALA D 306 14.99 30.67 -5.62
N ASP D 307 15.10 30.36 -4.34
CA ASP D 307 16.15 29.50 -3.81
C ASP D 307 15.54 28.17 -3.42
N ARG D 308 16.25 27.08 -3.69
CA ARG D 308 15.78 25.78 -3.21
C ARG D 308 16.12 25.66 -1.74
N ALA D 309 15.10 25.74 -0.90
CA ALA D 309 15.31 25.83 0.55
C ALA D 309 15.46 24.49 1.21
N GLY D 310 14.87 23.43 0.68
CA GLY D 310 14.94 22.15 1.36
C GLY D 310 14.61 21.00 0.43
N VAL D 311 15.01 19.80 0.86
CA VAL D 311 14.85 18.58 0.10
C VAL D 311 14.12 17.58 0.97
N LEU D 312 13.11 16.94 0.42
CA LEU D 312 12.31 15.94 1.12
C LEU D 312 12.55 14.58 0.50
N ALA D 313 13.44 13.80 1.10
CA ALA D 313 14.00 12.63 0.46
C ALA D 313 13.41 11.33 1.02
N GLY D 314 12.11 11.31 1.27
CA GLY D 314 11.53 10.15 1.90
C GLY D 314 11.28 9.00 0.95
N HIS D 315 10.72 9.29 -0.22
CA HIS D 315 10.16 8.21 -1.02
C HIS D 315 11.21 7.54 -1.87
N ASP D 316 10.84 6.36 -2.35
CA ASP D 316 11.70 5.56 -3.19
C ASP D 316 11.12 5.31 -4.56
N ASN D 317 10.22 6.16 -5.03
CA ASN D 317 9.78 6.16 -6.42
C ASN D 317 9.20 7.53 -6.73
N ARG D 318 8.51 7.64 -7.86
CA ARG D 318 7.97 8.91 -8.33
C ARG D 318 6.93 9.49 -7.39
N VAL D 319 7.17 10.71 -6.93
CA VAL D 319 6.20 11.43 -6.09
C VAL D 319 5.05 11.87 -6.98
N SER D 320 3.92 11.20 -6.87
CA SER D 320 2.87 11.42 -7.86
C SER D 320 1.86 12.45 -7.37
N CYS D 321 1.87 12.77 -6.09
CA CYS D 321 0.89 13.71 -5.55
C CYS D 321 1.43 14.31 -4.27
N LEU D 322 1.17 15.59 -4.08
CA LEU D 322 1.44 16.20 -2.79
C LEU D 322 0.37 17.25 -2.53
N GLY D 323 0.21 17.59 -1.27
CA GLY D 323 -0.85 18.49 -0.85
C GLY D 323 -0.52 19.05 0.50
N VAL D 324 -0.94 20.28 0.73
CA VAL D 324 -0.67 21.00 1.96
C VAL D 324 -2.00 21.24 2.65
N THR D 325 -2.02 21.03 3.97
CA THR D 325 -3.20 21.25 4.80
C THR D 325 -3.71 22.67 4.68
N ASP D 326 -5.03 22.83 4.81
CA ASP D 326 -5.59 24.17 4.82
C ASP D 326 -5.19 24.92 6.08
N ASP D 327 -4.93 24.19 7.16
CA ASP D 327 -4.35 24.77 8.35
C ASP D 327 -2.92 25.21 8.11
N GLY D 328 -2.24 24.60 7.15
CA GLY D 328 -0.87 24.93 6.90
C GLY D 328 0.10 24.22 7.80
N MET D 329 -0.32 23.16 8.47
CA MET D 329 0.52 22.51 9.46
C MET D 329 1.36 21.39 8.86
N ALA D 330 0.72 20.49 8.11
CA ALA D 330 1.38 19.31 7.60
C ALA D 330 1.42 19.35 6.08
N VAL D 331 2.38 18.60 5.54
CA VAL D 331 2.55 18.45 4.11
C VAL D 331 2.61 16.96 3.82
N ALA D 332 1.60 16.44 3.15
CA ALA D 332 1.61 15.02 2.81
C ALA D 332 2.13 14.89 1.39
N THR D 333 2.86 13.82 1.14
CA THR D 333 3.43 13.52 -0.16
C THR D 333 3.19 12.05 -0.46
N GLY D 334 2.48 11.77 -1.52
CA GLY D 334 2.28 10.40 -1.92
C GLY D 334 3.17 10.03 -3.07
N SER D 335 3.30 8.73 -3.33
CA SER D 335 4.25 8.31 -4.34
C SER D 335 3.92 6.92 -4.85
N TRP D 336 4.74 6.46 -5.79
CA TRP D 336 4.49 5.19 -6.45
C TRP D 336 4.93 3.99 -5.62
N ASP D 337 5.62 4.20 -4.51
CA ASP D 337 5.95 3.12 -3.60
C ASP D 337 4.88 2.90 -2.53
N SER D 338 3.68 3.46 -2.74
CA SER D 338 2.47 3.23 -1.95
C SER D 338 2.58 3.77 -0.53
N PHE D 339 3.42 4.77 -0.31
CA PHE D 339 3.62 5.31 1.03
C PHE D 339 3.30 6.79 1.04
N LEU D 340 2.23 7.15 1.73
CA LEU D 340 1.98 8.55 2.07
C LEU D 340 2.92 8.89 3.21
N LYS D 341 3.83 9.82 2.99
CA LYS D 341 4.62 10.38 4.07
C LYS D 341 4.00 11.70 4.45
N ILE D 342 3.97 12.02 5.73
CA ILE D 342 3.43 13.28 6.20
C ILE D 342 4.53 14.04 6.88
N TRP D 343 4.94 15.14 6.28
CA TRP D 343 6.11 15.90 6.67
C TRP D 343 5.64 17.09 7.49
N ASN D 344 6.54 17.64 8.29
CA ASN D 344 6.23 18.82 9.11
C ASN D 344 7.51 19.51 9.53
N ILE E 9 -13.01 26.74 -40.65
CA ILE E 9 -13.18 28.16 -40.91
C ILE E 9 -13.68 28.88 -39.67
N ALA E 10 -14.82 28.41 -39.14
CA ALA E 10 -15.43 29.06 -37.99
C ALA E 10 -14.60 28.87 -36.72
N GLN E 11 -13.79 27.80 -36.67
CA GLN E 11 -12.86 27.62 -35.57
C GLN E 11 -11.79 28.71 -35.57
N ALA E 12 -11.34 29.12 -36.77
CA ALA E 12 -10.40 30.23 -36.86
C ALA E 12 -11.05 31.54 -36.46
N ARG E 13 -12.33 31.74 -36.80
CA ARG E 13 -13.07 32.90 -36.32
C ARG E 13 -13.22 32.85 -34.81
N LYS E 14 -13.39 31.65 -34.24
CA LYS E 14 -13.46 31.52 -32.79
C LYS E 14 -12.13 31.87 -32.14
N LEU E 15 -11.01 31.46 -32.76
CA LEU E 15 -9.71 31.79 -32.20
C LEU E 15 -9.45 33.30 -32.28
N VAL E 16 -9.89 33.93 -33.36
CA VAL E 16 -9.76 35.38 -33.49
C VAL E 16 -10.61 36.10 -32.45
N GLU E 17 -11.84 35.62 -32.22
CA GLU E 17 -12.70 36.26 -31.24
C GLU E 17 -12.18 36.06 -29.82
N GLN E 18 -11.60 34.88 -29.54
CA GLN E 18 -11.02 34.62 -28.24
C GLN E 18 -9.79 35.49 -27.99
N LEU E 19 -8.90 35.61 -28.98
CA LEU E 19 -7.72 36.44 -28.82
C LEU E 19 -8.08 37.92 -28.72
N LYS E 20 -9.12 38.34 -29.43
CA LYS E 20 -9.60 39.71 -29.31
C LYS E 20 -10.16 39.98 -27.92
N MET E 21 -10.91 39.02 -27.37
CA MET E 21 -11.47 39.22 -26.04
C MET E 21 -10.42 39.12 -24.95
N GLU E 22 -9.36 38.34 -25.19
CA GLU E 22 -8.25 38.31 -24.24
C GLU E 22 -7.35 39.53 -24.37
N ALA E 23 -7.40 40.24 -25.50
CA ALA E 23 -6.51 41.36 -25.72
C ALA E 23 -6.86 42.54 -24.82
N ASN E 24 -8.13 42.94 -24.81
CA ASN E 24 -8.55 44.11 -24.05
C ASN E 24 -8.86 43.72 -22.60
N ILE E 25 -7.78 43.56 -21.84
CA ILE E 25 -7.81 43.27 -20.41
C ILE E 25 -6.96 44.32 -19.72
N ASP E 26 -7.49 44.94 -18.67
CA ASP E 26 -6.76 45.98 -17.97
C ASP E 26 -5.60 45.41 -17.15
N ARG E 27 -4.39 45.51 -17.68
CA ARG E 27 -3.22 44.97 -17.00
C ARG E 27 -2.56 46.03 -16.13
N ILE E 28 -1.83 45.58 -15.12
CA ILE E 28 -1.18 46.48 -14.19
C ILE E 28 0.32 46.36 -14.36
N LYS E 29 1.06 47.17 -13.61
CA LYS E 29 2.51 47.06 -13.61
C LYS E 29 2.95 45.85 -12.81
N VAL E 30 4.13 45.35 -13.16
CA VAL E 30 4.62 44.11 -12.56
C VAL E 30 5.27 44.38 -11.20
N SER E 31 5.80 45.58 -11.00
CA SER E 31 6.27 45.96 -9.67
C SER E 31 5.12 46.03 -8.67
N LYS E 32 3.94 46.43 -9.13
CA LYS E 32 2.77 46.47 -8.26
C LYS E 32 2.33 45.08 -7.85
N ALA E 33 2.24 44.16 -8.80
CA ALA E 33 1.84 42.79 -8.49
C ALA E 33 2.89 42.06 -7.66
N ALA E 34 4.16 42.36 -7.92
CA ALA E 34 5.24 41.76 -7.14
C ALA E 34 5.23 42.26 -5.70
N ALA E 35 4.98 43.56 -5.51
CA ALA E 35 4.87 44.07 -4.15
C ALA E 35 3.61 43.58 -3.46
N ASP E 36 2.55 43.29 -4.24
CA ASP E 36 1.35 42.70 -3.63
C ASP E 36 1.61 41.30 -3.13
N LEU E 37 2.29 40.47 -3.92
CA LEU E 37 2.62 39.11 -3.47
C LEU E 37 3.58 39.15 -2.30
N MET E 38 4.57 40.04 -2.36
CA MET E 38 5.50 40.25 -1.26
C MET E 38 4.79 40.69 0.01
N ALA E 39 3.80 41.58 -0.11
CA ALA E 39 3.10 42.06 1.06
C ALA E 39 2.15 41.02 1.63
N TYR E 40 1.59 40.15 0.78
CA TYR E 40 0.79 39.05 1.30
C TYR E 40 1.65 38.09 2.10
N CYS E 41 2.82 37.74 1.57
CA CYS E 41 3.71 36.83 2.28
C CYS E 41 4.23 37.44 3.58
N GLU E 42 4.47 38.75 3.60
CA GLU E 42 4.91 39.37 4.84
C GLU E 42 3.77 39.59 5.82
N ALA E 43 2.54 39.72 5.35
CA ALA E 43 1.41 39.84 6.27
C ALA E 43 1.09 38.51 6.92
N HIS E 44 1.35 37.40 6.23
CA HIS E 44 1.01 36.10 6.78
C HIS E 44 2.22 35.26 7.16
N ALA E 45 3.42 35.85 7.21
CA ALA E 45 4.61 35.08 7.56
C ALA E 45 4.61 34.60 9.00
N LYS E 46 3.93 35.31 9.91
CA LYS E 46 4.03 34.97 11.32
C LYS E 46 3.23 33.73 11.68
N GLU E 47 2.12 33.50 11.00
CA GLU E 47 1.26 32.36 11.30
C GLU E 47 1.51 31.17 10.39
N ASP E 48 2.62 31.15 9.67
CA ASP E 48 2.93 30.05 8.76
C ASP E 48 3.79 29.04 9.50
N PRO E 49 3.29 27.83 9.73
CA PRO E 49 4.04 26.88 10.56
C PRO E 49 5.27 26.29 9.90
N LEU E 50 5.35 26.29 8.58
CA LEU E 50 6.51 25.71 7.92
C LEU E 50 7.66 26.69 7.79
N LEU E 51 7.39 27.99 7.82
CA LEU E 51 8.44 28.97 7.60
C LEU E 51 9.39 28.99 8.78
N THR E 52 8.87 29.29 9.97
CA THR E 52 9.59 29.16 11.21
C THR E 52 9.00 28.00 11.98
N PRO E 53 9.80 27.00 12.37
CA PRO E 53 9.24 25.76 12.93
C PRO E 53 8.62 25.99 14.30
N VAL E 54 7.42 25.44 14.46
CA VAL E 54 6.55 25.62 15.61
C VAL E 54 7.16 24.84 16.78
N PRO E 55 6.87 25.19 18.03
CA PRO E 55 7.24 24.28 19.13
C PRO E 55 6.52 22.94 19.04
N ALA E 56 7.16 21.92 19.61
CA ALA E 56 6.67 20.55 19.49
C ALA E 56 5.40 20.32 20.29
N SER E 57 5.13 21.16 21.29
CA SER E 57 3.88 21.03 22.02
C SER E 57 2.70 21.49 21.20
N GLU E 58 2.92 22.42 20.27
CA GLU E 58 1.83 22.93 19.42
C GLU E 58 1.59 22.01 18.22
N ASN E 59 2.62 21.33 17.77
CA ASN E 59 2.54 20.40 16.65
C ASN E 59 1.62 19.23 16.99
N PRO E 60 0.59 18.95 16.20
CA PRO E 60 -0.20 17.74 16.41
C PRO E 60 0.48 16.47 15.95
N PHE E 61 1.67 16.55 15.37
CA PHE E 61 2.30 15.39 14.76
C PHE E 61 3.55 14.95 15.53
N VAL F 2 -33.56 1.63 8.73
CA VAL F 2 -32.94 0.64 9.58
C VAL F 2 -33.97 0.14 10.57
N GLN F 3 -33.79 -1.08 11.06
CA GLN F 3 -34.80 -1.66 11.95
C GLN F 3 -34.15 -2.74 12.79
N LEU F 4 -34.00 -2.49 14.10
CA LEU F 4 -33.54 -3.50 15.05
C LEU F 4 -34.76 -4.04 15.80
N VAL F 5 -34.99 -5.35 15.71
CA VAL F 5 -36.15 -5.99 16.30
C VAL F 5 -35.68 -7.13 17.18
N GLU F 6 -36.08 -7.11 18.45
CA GLU F 6 -35.65 -8.11 19.42
C GLU F 6 -36.72 -9.18 19.59
N SER F 7 -36.31 -10.32 20.15
CA SER F 7 -37.22 -11.41 20.44
C SER F 7 -36.67 -12.23 21.59
N GLY F 8 -37.57 -12.88 22.32
CA GLY F 8 -37.18 -13.69 23.45
C GLY F 8 -37.73 -13.23 24.78
N GLY F 9 -38.94 -12.66 24.76
CA GLY F 9 -39.59 -12.22 25.97
C GLY F 9 -40.28 -13.35 26.70
N GLY F 10 -41.14 -12.97 27.63
CA GLY F 10 -41.92 -13.93 28.38
C GLY F 10 -41.45 -14.07 29.81
N LEU F 11 -42.26 -14.76 30.61
CA LEU F 11 -41.93 -15.01 32.00
C LEU F 11 -41.03 -16.23 32.09
N VAL F 12 -39.95 -16.11 32.87
CA VAL F 12 -39.01 -17.21 33.09
C VAL F 12 -38.83 -17.37 34.59
N GLN F 13 -38.88 -18.62 35.05
CA GLN F 13 -38.60 -18.92 36.45
C GLN F 13 -37.15 -18.56 36.78
N PRO F 14 -36.89 -18.12 38.02
CA PRO F 14 -35.53 -17.69 38.38
C PRO F 14 -34.54 -18.84 38.40
N GLY F 15 -33.28 -18.51 38.13
CA GLY F 15 -32.23 -19.49 38.00
C GLY F 15 -32.15 -20.16 36.64
N GLY F 16 -33.16 -19.99 35.79
CA GLY F 16 -33.16 -20.63 34.50
C GLY F 16 -32.31 -19.89 33.48
N SER F 17 -32.48 -20.29 32.22
CA SER F 17 -31.74 -19.72 31.11
C SER F 17 -32.68 -19.27 30.01
N ARG F 18 -32.20 -18.36 29.19
CA ARG F 18 -32.97 -17.78 28.09
C ARG F 18 -31.98 -17.18 27.10
N LYS F 19 -32.32 -17.24 25.81
CA LYS F 19 -31.52 -16.62 24.75
C LYS F 19 -32.34 -15.54 24.06
N LEU F 20 -31.74 -14.36 23.90
CA LEU F 20 -32.37 -13.26 23.20
C LEU F 20 -31.82 -13.15 21.79
N SER F 21 -32.68 -12.73 20.87
CA SER F 21 -32.33 -12.62 19.47
C SER F 21 -32.78 -11.26 18.96
N CYS F 22 -31.83 -10.46 18.48
CA CYS F 22 -32.14 -9.20 17.83
C CYS F 22 -31.90 -9.33 16.34
N SER F 23 -32.96 -9.20 15.55
CA SER F 23 -32.87 -9.28 14.11
C SER F 23 -32.69 -7.88 13.56
N ALA F 24 -31.57 -7.65 12.88
CA ALA F 24 -31.25 -6.35 12.31
C ALA F 24 -31.66 -6.31 10.85
N SER F 25 -32.05 -5.13 10.39
CA SER F 25 -32.50 -4.94 9.03
C SER F 25 -32.11 -3.55 8.56
N GLY F 26 -31.76 -3.45 7.28
CA GLY F 26 -31.63 -2.17 6.63
C GLY F 26 -30.31 -1.46 6.81
N PHE F 27 -29.26 -2.15 7.26
CA PHE F 27 -27.95 -1.54 7.34
C PHE F 27 -26.89 -2.63 7.28
N ALA F 28 -25.66 -2.22 7.00
CA ALA F 28 -24.54 -3.16 6.96
C ALA F 28 -24.20 -3.56 8.38
N PHE F 29 -24.70 -4.73 8.79
CA PHE F 29 -24.61 -5.19 10.18
C PHE F 29 -23.17 -5.40 10.62
N SER F 30 -22.31 -5.87 9.73
CA SER F 30 -20.99 -6.32 10.13
C SER F 30 -20.04 -5.20 10.48
N SER F 31 -20.38 -3.96 10.14
CA SER F 31 -19.48 -2.86 10.48
C SER F 31 -19.72 -2.32 11.87
N PHE F 32 -20.90 -2.57 12.43
CA PHE F 32 -21.31 -1.96 13.68
C PHE F 32 -20.95 -2.82 14.88
N GLY F 33 -20.49 -2.16 15.94
CA GLY F 33 -20.35 -2.78 17.23
C GLY F 33 -21.67 -2.66 17.96
N MET F 34 -22.13 -3.76 18.52
CA MET F 34 -23.44 -3.77 19.14
C MET F 34 -23.35 -3.57 20.65
N HIS F 35 -24.52 -3.46 21.27
CA HIS F 35 -24.67 -3.17 22.68
C HIS F 35 -25.99 -3.75 23.14
N TRP F 36 -26.06 -4.08 24.42
CA TRP F 36 -27.33 -4.31 25.10
C TRP F 36 -27.40 -3.36 26.26
N VAL F 37 -28.50 -2.61 26.36
CA VAL F 37 -28.73 -1.73 27.48
C VAL F 37 -30.06 -2.14 28.09
N ARG F 38 -30.10 -2.28 29.41
CA ARG F 38 -31.30 -2.72 30.09
C ARG F 38 -31.94 -1.59 30.86
N GLN F 39 -33.24 -1.71 31.08
CA GLN F 39 -34.00 -0.71 31.84
C GLN F 39 -34.95 -1.43 32.78
N ALA F 40 -34.69 -1.32 34.08
CA ALA F 40 -35.61 -1.81 35.10
C ALA F 40 -36.95 -1.10 34.97
N PRO F 41 -38.07 -1.81 35.20
CA PRO F 41 -39.37 -1.37 34.66
C PRO F 41 -39.89 -0.03 35.17
N GLU F 42 -39.41 0.46 36.31
CA GLU F 42 -39.72 1.82 36.74
C GLU F 42 -38.46 2.57 37.14
N LYS F 43 -37.32 2.19 36.57
CA LYS F 43 -36.04 2.81 36.85
C LYS F 43 -35.36 3.17 35.54
N GLY F 44 -34.13 3.66 35.65
CA GLY F 44 -33.41 4.16 34.50
C GLY F 44 -32.76 3.08 33.68
N LEU F 45 -31.93 3.52 32.75
CA LEU F 45 -31.25 2.61 31.84
C LEU F 45 -29.94 2.14 32.45
N GLU F 46 -29.48 0.97 32.02
CA GLU F 46 -28.28 0.36 32.59
C GLU F 46 -27.64 -0.54 31.54
N TRP F 47 -26.32 -0.47 31.46
CA TRP F 47 -25.58 -1.13 30.39
C TRP F 47 -25.25 -2.56 30.74
N VAL F 48 -25.38 -3.45 29.75
CA VAL F 48 -25.20 -4.88 29.95
C VAL F 48 -23.90 -5.38 29.32
N ALA F 49 -23.77 -5.27 28.01
CA ALA F 49 -22.71 -5.99 27.29
C ALA F 49 -22.38 -5.26 26.00
N TYR F 50 -21.56 -5.90 25.16
CA TYR F 50 -20.92 -5.28 24.00
C TYR F 50 -20.23 -6.33 23.17
N ILE F 51 -20.26 -6.17 21.84
CA ILE F 51 -19.31 -6.81 20.95
C ILE F 51 -18.75 -5.73 20.04
N SER F 52 -17.52 -5.90 19.57
CA SER F 52 -17.01 -5.03 18.53
C SER F 52 -17.36 -5.65 17.18
N SER F 53 -16.75 -5.14 16.12
CA SER F 53 -16.96 -5.70 14.81
C SER F 53 -15.98 -6.85 14.55
N GLY F 54 -16.47 -7.90 13.91
CA GLY F 54 -15.68 -9.09 13.77
C GLY F 54 -15.54 -9.89 15.04
N SER F 55 -16.37 -9.59 16.05
CA SER F 55 -16.42 -10.27 17.35
C SER F 55 -15.09 -10.22 18.08
N GLY F 56 -14.29 -9.19 17.83
CA GLY F 56 -12.94 -9.16 18.31
C GLY F 56 -12.76 -8.75 19.75
N THR F 57 -13.73 -8.03 20.30
CA THR F 57 -13.59 -7.48 21.65
C THR F 57 -14.94 -7.47 22.34
N ILE F 58 -15.01 -8.11 23.50
CA ILE F 58 -16.24 -8.18 24.28
C ILE F 58 -15.95 -7.68 25.69
N TYR F 59 -16.78 -6.77 26.18
CA TYR F 59 -16.78 -6.37 27.57
C TYR F 59 -18.12 -6.70 28.20
N TYR F 60 -18.14 -6.77 29.53
CA TYR F 60 -19.37 -6.97 30.28
C TYR F 60 -19.43 -6.02 31.46
N ALA F 61 -20.65 -5.79 31.93
CA ALA F 61 -20.81 -5.17 33.23
C ALA F 61 -20.52 -6.19 34.32
N ASP F 62 -20.14 -5.70 35.49
CA ASP F 62 -19.70 -6.60 36.55
C ASP F 62 -20.85 -7.40 37.14
N THR F 63 -22.08 -6.89 37.03
CA THR F 63 -23.21 -7.62 37.62
C THR F 63 -23.60 -8.83 36.80
N VAL F 64 -23.26 -8.83 35.51
CA VAL F 64 -23.64 -9.92 34.63
C VAL F 64 -22.43 -10.66 34.09
N LYS F 65 -21.23 -10.35 34.55
CA LYS F 65 -20.04 -10.99 34.04
C LYS F 65 -19.96 -12.42 34.55
N GLY F 66 -19.93 -13.37 33.63
CA GLY F 66 -19.96 -14.78 33.94
C GLY F 66 -21.30 -15.44 33.69
N ARG F 67 -22.40 -14.74 33.94
CA ARG F 67 -23.73 -15.32 33.74
C ARG F 67 -24.29 -15.07 32.35
N PHE F 68 -23.85 -14.02 31.66
CA PHE F 68 -24.35 -13.71 30.33
C PHE F 68 -23.22 -13.89 29.32
N THR F 69 -23.58 -14.29 28.10
CA THR F 69 -22.62 -14.42 27.02
C THR F 69 -23.23 -13.86 25.75
N ILE F 70 -22.57 -12.87 25.17
CA ILE F 70 -23.05 -12.16 24.00
C ILE F 70 -22.36 -12.72 22.76
N SER F 71 -23.10 -12.77 21.64
CA SER F 71 -22.58 -13.30 20.40
C SER F 71 -23.37 -12.72 19.26
N ARG F 72 -22.79 -12.79 18.06
CA ARG F 72 -23.42 -12.22 16.88
C ARG F 72 -23.25 -13.18 15.71
N ASP F 73 -24.20 -13.10 14.78
CA ASP F 73 -24.23 -13.94 13.59
C ASP F 73 -24.25 -12.98 12.40
N ASP F 74 -23.08 -12.67 11.88
CA ASP F 74 -22.98 -11.71 10.78
C ASP F 74 -23.64 -12.13 9.47
N PRO F 75 -23.58 -13.40 8.98
CA PRO F 75 -24.29 -13.68 7.73
C PRO F 75 -25.81 -13.70 7.83
N LYS F 76 -26.38 -13.74 9.04
CA LYS F 76 -27.83 -13.61 9.17
C LYS F 76 -28.25 -12.38 9.95
N ASN F 77 -27.33 -11.43 10.17
CA ASN F 77 -27.62 -10.09 10.71
C ASN F 77 -28.22 -10.14 12.11
N THR F 78 -27.91 -11.18 12.87
CA THR F 78 -28.62 -11.44 14.11
C THR F 78 -27.68 -11.24 15.30
N LEU F 79 -28.16 -10.54 16.32
CA LEU F 79 -27.44 -10.36 17.57
C LEU F 79 -28.05 -11.25 18.65
N PHE F 80 -27.20 -12.00 19.35
CA PHE F 80 -27.64 -12.93 20.39
C PHE F 80 -27.18 -12.48 21.76
N LEU F 81 -27.99 -12.81 22.77
CA LEU F 81 -27.57 -12.71 24.17
C LEU F 81 -27.98 -13.99 24.86
N GLN F 82 -26.99 -14.78 25.28
CA GLN F 82 -27.25 -16.01 26.01
C GLN F 82 -27.23 -15.70 27.50
N MET F 83 -28.39 -15.81 28.13
CA MET F 83 -28.57 -15.54 29.55
C MET F 83 -28.73 -16.86 30.28
N THR F 84 -28.05 -16.98 31.43
CA THR F 84 -28.25 -18.12 32.30
C THR F 84 -28.08 -17.67 33.74
N SER F 85 -28.67 -18.46 34.66
CA SER F 85 -28.77 -18.15 36.07
C SER F 85 -29.48 -16.81 36.31
N LEU F 86 -30.74 -16.74 35.89
CA LEU F 86 -31.51 -15.52 36.00
C LEU F 86 -31.86 -15.22 37.45
N ARG F 87 -31.71 -13.96 37.83
CA ARG F 87 -31.92 -13.52 39.20
C ARG F 87 -33.05 -12.48 39.21
N SER F 88 -33.23 -11.85 40.37
CA SER F 88 -34.34 -10.89 40.51
C SER F 88 -34.05 -9.58 39.81
N GLU F 89 -32.79 -9.13 39.80
CA GLU F 89 -32.43 -7.89 39.15
C GLU F 89 -32.42 -7.98 37.63
N ASP F 90 -32.42 -9.19 37.08
CA ASP F 90 -32.41 -9.34 35.64
C ASP F 90 -33.79 -9.15 35.01
N THR F 91 -34.82 -8.85 35.80
CA THR F 91 -36.10 -8.43 35.25
C THR F 91 -35.99 -6.98 34.80
N ALA F 92 -36.03 -6.75 33.49
CA ALA F 92 -35.92 -5.41 32.93
C ALA F 92 -36.39 -5.44 31.49
N MET F 93 -36.44 -4.25 30.89
CA MET F 93 -36.58 -4.05 29.45
C MET F 93 -35.21 -4.02 28.83
N TYR F 94 -34.94 -4.91 27.87
CA TYR F 94 -33.61 -5.01 27.28
C TYR F 94 -33.66 -4.44 25.87
N TYR F 95 -32.84 -3.42 25.62
CA TYR F 95 -32.73 -2.79 24.31
C TYR F 95 -31.46 -3.23 23.61
N CYS F 96 -31.48 -3.18 22.29
CA CYS F 96 -30.31 -3.45 21.47
C CYS F 96 -29.89 -2.18 20.77
N VAL F 97 -28.64 -1.78 20.95
CA VAL F 97 -28.13 -0.52 20.44
C VAL F 97 -27.00 -0.81 19.48
N ARG F 98 -26.98 -0.10 18.35
CA ARG F 98 -25.95 -0.27 17.35
C ARG F 98 -25.01 0.92 17.41
N SER F 99 -23.71 0.68 17.33
CA SER F 99 -22.79 1.80 17.46
C SER F 99 -21.55 1.57 16.61
N ILE F 100 -21.05 2.64 16.02
CA ILE F 100 -19.92 2.55 15.11
C ILE F 100 -18.87 3.56 15.54
N TYR F 101 -17.62 3.12 15.51
CA TYR F 101 -16.53 3.92 16.07
C TYR F 101 -15.49 4.16 15.01
N TYR F 102 -15.39 5.39 14.55
CA TYR F 102 -14.23 5.89 13.84
C TYR F 102 -14.11 7.36 14.18
N TYR F 103 -13.26 8.06 13.46
CA TYR F 103 -13.06 9.48 13.74
C TYR F 103 -14.29 10.26 13.31
N GLY F 104 -15.12 10.63 14.27
CA GLY F 104 -16.25 11.47 14.01
C GLY F 104 -17.56 10.76 13.79
N SER F 105 -17.65 9.49 14.17
CA SER F 105 -18.94 8.83 14.02
C SER F 105 -19.85 9.21 15.17
N SER F 106 -21.10 8.76 15.08
CA SER F 106 -22.11 8.97 16.11
C SER F 106 -22.52 7.61 16.64
N PRO F 107 -21.83 7.07 17.64
CA PRO F 107 -22.26 5.80 18.23
C PRO F 107 -23.53 5.98 19.04
N PHE F 108 -24.19 4.85 19.31
CA PHE F 108 -25.49 4.78 19.98
C PHE F 108 -26.57 5.56 19.23
N ASP F 109 -26.47 5.57 17.90
CA ASP F 109 -27.36 6.38 17.09
C ASP F 109 -28.76 5.77 16.99
N PHE F 110 -28.86 4.46 16.84
CA PHE F 110 -30.14 3.82 16.60
C PHE F 110 -30.36 2.75 17.65
N TRP F 111 -31.50 2.82 18.33
CA TRP F 111 -31.89 1.96 19.42
C TRP F 111 -33.06 1.11 18.99
N GLY F 112 -32.98 -0.19 19.26
CA GLY F 112 -34.07 -1.08 18.90
C GLY F 112 -35.29 -0.86 19.76
N GLN F 113 -36.39 -1.53 19.38
CA GLN F 113 -37.64 -1.36 20.11
C GLN F 113 -37.56 -1.94 21.52
N GLY F 114 -36.80 -3.01 21.71
CA GLY F 114 -36.63 -3.60 23.01
C GLY F 114 -37.55 -4.78 23.23
N THR F 115 -37.31 -5.48 24.33
CA THR F 115 -38.18 -6.57 24.76
C THR F 115 -38.19 -6.61 26.28
N THR F 116 -39.32 -7.05 26.83
CA THR F 116 -39.51 -7.15 28.27
C THR F 116 -39.35 -8.61 28.68
N LEU F 117 -38.49 -8.84 29.67
CA LEU F 117 -38.30 -10.17 30.24
C LEU F 117 -38.52 -10.10 31.73
N THR F 118 -39.43 -10.93 32.23
CA THR F 118 -39.88 -10.89 33.62
C THR F 118 -39.46 -12.16 34.34
N VAL F 119 -38.72 -12.00 35.43
CA VAL F 119 -38.26 -13.11 36.26
C VAL F 119 -38.83 -12.93 37.65
N SER F 120 -39.64 -13.89 38.09
CA SER F 120 -40.24 -13.87 39.41
C SER F 120 -39.19 -14.13 40.49
N SER F 136 -15.17 0.94 41.44
CA SER F 136 -14.27 1.88 40.79
C SER F 136 -14.84 2.35 39.45
N ASP F 137 -16.16 2.25 39.30
CA ASP F 137 -16.81 2.77 38.11
C ASP F 137 -16.87 4.29 38.17
N ILE F 138 -17.21 4.91 37.04
CA ILE F 138 -17.44 6.35 37.00
C ILE F 138 -18.92 6.59 37.25
N VAL F 139 -19.23 7.24 38.37
CA VAL F 139 -20.61 7.46 38.81
C VAL F 139 -21.08 8.80 38.27
N MET F 140 -22.20 8.78 37.56
CA MET F 140 -22.77 9.98 36.95
C MET F 140 -23.91 10.48 37.82
N THR F 141 -23.93 11.78 38.09
CA THR F 141 -24.87 12.38 39.02
C THR F 141 -25.84 13.29 38.27
N GLN F 142 -27.12 12.90 38.26
CA GLN F 142 -28.17 13.82 37.86
C GLN F 142 -28.38 14.85 38.96
N ALA F 143 -28.58 16.10 38.57
CA ALA F 143 -28.86 17.13 39.56
C ALA F 143 -30.28 17.03 40.08
N THR F 144 -31.22 16.76 39.18
CA THR F 144 -32.65 16.83 39.48
C THR F 144 -33.32 15.63 38.80
N SER F 145 -34.34 15.08 39.44
CA SER F 145 -35.02 13.93 38.85
C SER F 145 -36.35 14.30 38.19
N SER F 146 -36.90 15.49 38.47
CA SER F 146 -38.13 15.93 37.81
C SER F 146 -38.20 17.45 37.86
N VAL F 147 -38.63 18.05 36.74
CA VAL F 147 -38.65 19.51 36.62
C VAL F 147 -39.90 19.95 35.85
N PRO F 148 -40.58 21.02 36.30
CA PRO F 148 -41.74 21.52 35.55
C PRO F 148 -41.31 22.39 34.38
N VAL F 149 -42.01 22.24 33.25
CA VAL F 149 -41.64 22.88 31.99
C VAL F 149 -42.84 23.63 31.43
N THR F 150 -42.64 24.90 31.08
CA THR F 150 -43.56 25.69 30.28
C THR F 150 -43.21 25.53 28.80
N PRO F 151 -44.18 25.25 27.94
CA PRO F 151 -43.89 25.15 26.50
C PRO F 151 -43.50 26.50 25.92
N GLY F 152 -42.42 26.49 25.14
CA GLY F 152 -41.86 27.70 24.58
C GLY F 152 -40.79 28.36 25.41
N GLU F 153 -40.35 27.72 26.50
CA GLU F 153 -39.31 28.27 27.37
C GLU F 153 -38.05 27.44 27.28
N SER F 154 -36.92 28.08 27.54
CA SER F 154 -35.65 27.37 27.51
C SER F 154 -35.49 26.53 28.79
N VAL F 155 -35.03 25.31 28.61
CA VAL F 155 -34.88 24.35 29.71
C VAL F 155 -33.43 23.92 29.76
N SER F 156 -32.83 23.97 30.95
CA SER F 156 -31.44 23.57 31.15
C SER F 156 -31.37 22.37 32.07
N ILE F 157 -30.73 21.30 31.60
CA ILE F 157 -30.62 20.04 32.32
C ILE F 157 -29.14 19.78 32.58
N SER F 158 -28.81 19.46 33.82
CA SER F 158 -27.43 19.30 34.22
C SER F 158 -27.08 17.84 34.49
N CYS F 159 -25.80 17.54 34.38
CA CYS F 159 -25.23 16.23 34.70
C CYS F 159 -23.86 16.47 35.32
N ARG F 160 -23.38 15.49 36.09
CA ARG F 160 -22.12 15.64 36.77
C ARG F 160 -21.42 14.30 36.87
N SER F 161 -20.10 14.30 36.64
CA SER F 161 -19.31 13.08 36.62
C SER F 161 -18.39 13.03 37.83
N SER F 162 -18.16 11.81 38.33
CA SER F 162 -17.24 11.61 39.44
C SER F 162 -15.78 11.75 39.01
N LYS F 163 -15.51 11.60 37.72
CA LYS F 163 -14.17 11.66 37.15
C LYS F 163 -14.20 12.60 35.95
N SER F 164 -13.07 13.27 35.69
CA SER F 164 -13.02 14.21 34.59
C SER F 164 -13.03 13.47 33.25
N LEU F 165 -13.97 13.85 32.39
CA LEU F 165 -14.16 13.18 31.12
C LEU F 165 -13.32 13.77 29.99
N LEU F 166 -12.63 14.87 30.24
CA LEU F 166 -11.69 15.40 29.25
C LEU F 166 -10.51 14.46 29.14
N HIS F 167 -10.45 13.71 28.05
CA HIS F 167 -9.27 12.92 27.78
C HIS F 167 -8.16 13.85 27.28
N SER F 168 -6.95 13.31 27.18
CA SER F 168 -5.82 14.10 26.70
C SER F 168 -5.94 14.45 25.22
N ASN F 169 -6.78 13.73 24.46
CA ASN F 169 -6.92 14.00 23.04
C ASN F 169 -8.04 14.97 22.71
N GLY F 170 -8.46 15.80 23.67
CA GLY F 170 -9.37 16.89 23.37
C GLY F 170 -10.84 16.57 23.46
N ASN F 171 -11.21 15.30 23.41
CA ASN F 171 -12.61 14.90 23.34
C ASN F 171 -13.12 14.54 24.73
N THR F 172 -14.26 15.11 25.11
CA THR F 172 -14.93 14.70 26.33
C THR F 172 -16.12 13.84 25.96
N TYR F 173 -16.24 12.69 26.62
CA TYR F 173 -17.15 11.63 26.18
C TYR F 173 -18.41 11.66 27.02
N LEU F 174 -19.27 12.65 26.78
CA LEU F 174 -20.57 12.71 27.42
C LEU F 174 -21.65 12.66 26.35
N TYR F 175 -22.56 11.70 26.45
CA TYR F 175 -23.62 11.62 25.47
C TYR F 175 -24.94 11.99 26.14
N TRP F 176 -25.95 12.27 25.31
CA TRP F 176 -27.28 12.63 25.79
C TRP F 176 -28.34 11.85 25.03
N PHE F 177 -29.31 11.34 25.77
CA PHE F 177 -30.37 10.51 25.21
C PHE F 177 -31.70 11.08 25.64
N LEU F 178 -32.74 10.81 24.85
CA LEU F 178 -34.10 11.21 25.19
C LEU F 178 -35.03 10.07 24.90
N GLN F 179 -35.80 9.66 25.88
CA GLN F 179 -36.75 8.56 25.74
C GLN F 179 -38.16 9.13 25.78
N ARG F 180 -38.87 8.99 24.67
CA ARG F 180 -40.30 9.26 24.66
C ARG F 180 -41.02 8.26 25.55
N PRO F 181 -42.19 8.64 26.08
CA PRO F 181 -43.04 7.66 26.77
C PRO F 181 -43.46 6.53 25.83
N GLY F 182 -42.97 5.33 26.11
CA GLY F 182 -43.31 4.17 25.33
C GLY F 182 -42.53 4.00 24.05
N GLN F 183 -41.32 4.56 23.97
CA GLN F 183 -40.48 4.41 22.80
C GLN F 183 -39.04 4.18 23.23
N SER F 184 -38.22 3.78 22.27
CA SER F 184 -36.80 3.64 22.51
C SER F 184 -36.16 5.01 22.70
N PRO F 185 -35.12 5.10 23.51
CA PRO F 185 -34.42 6.38 23.63
C PRO F 185 -33.62 6.66 22.37
N GLN F 186 -33.44 7.93 22.06
CA GLN F 186 -32.72 8.29 20.86
C GLN F 186 -31.61 9.25 21.19
N LEU F 187 -30.55 9.21 20.39
CA LEU F 187 -29.38 10.03 20.63
C LEU F 187 -29.70 11.47 20.26
N LEU F 188 -29.35 12.39 21.15
CA LEU F 188 -29.46 13.81 20.85
C LEU F 188 -28.10 14.43 20.61
N ILE F 189 -27.22 14.35 21.61
CA ILE F 189 -25.92 15.00 21.55
C ILE F 189 -24.87 13.96 21.90
N TYR F 190 -23.97 13.69 20.98
CA TYR F 190 -22.86 12.81 21.24
C TYR F 190 -21.60 13.65 21.44
N ARG F 191 -20.78 13.23 22.38
CA ARG F 191 -19.43 13.70 22.67
C ARG F 191 -19.49 15.17 23.12
N MET F 192 -20.53 15.50 23.90
CA MET F 192 -20.88 16.67 24.70
C MET F 192 -21.32 17.87 23.88
N SER F 193 -21.15 17.86 22.57
CA SER F 193 -21.35 19.08 21.80
C SER F 193 -22.01 18.87 20.45
N ASN F 194 -22.10 17.65 19.95
CA ASN F 194 -22.36 17.41 18.54
C ASN F 194 -23.76 16.84 18.38
N LEU F 195 -24.60 17.57 17.65
CA LEU F 195 -25.97 17.16 17.43
C LEU F 195 -26.05 15.92 16.56
N ALA F 196 -26.94 15.01 16.91
CA ALA F 196 -27.11 13.81 16.12
C ALA F 196 -27.88 14.13 14.85
N SER F 197 -27.84 13.19 13.92
CA SER F 197 -28.48 13.41 12.63
C SER F 197 -29.99 13.23 12.78
N GLY F 198 -30.74 14.17 12.22
CA GLY F 198 -32.17 14.14 12.36
C GLY F 198 -32.69 14.72 13.65
N VAL F 199 -31.87 15.48 14.36
CA VAL F 199 -32.21 16.05 15.66
C VAL F 199 -32.28 17.57 15.50
N PRO F 200 -33.40 18.19 15.86
CA PRO F 200 -33.54 19.64 15.67
C PRO F 200 -32.61 20.43 16.57
N ASP F 201 -32.13 21.56 16.05
CA ASP F 201 -31.06 22.33 16.67
C ASP F 201 -31.54 23.24 17.80
N ARG F 202 -32.73 23.00 18.34
CA ARG F 202 -33.11 23.57 19.63
C ARG F 202 -32.16 23.09 20.71
N PHE F 203 -31.78 21.82 20.64
CA PHE F 203 -30.94 21.18 21.65
C PHE F 203 -29.51 21.68 21.52
N SER F 204 -28.84 21.84 22.66
CA SER F 204 -27.49 22.37 22.68
C SER F 204 -26.77 21.89 23.93
N GLY F 205 -25.55 21.45 23.77
CA GLY F 205 -24.80 20.86 24.86
C GLY F 205 -23.43 21.50 25.01
N SER F 206 -23.01 21.65 26.25
CA SER F 206 -21.75 22.33 26.56
C SER F 206 -21.29 21.88 27.93
N GLY F 207 -20.28 22.56 28.44
CA GLY F 207 -19.76 22.28 29.77
C GLY F 207 -18.25 22.22 29.72
N SER F 208 -17.70 21.44 30.64
CA SER F 208 -16.27 21.18 30.73
C SER F 208 -16.11 19.78 31.32
N GLY F 209 -14.93 19.48 31.83
CA GLY F 209 -14.72 18.24 32.54
C GLY F 209 -15.55 18.12 33.81
N THR F 210 -16.31 17.04 33.91
CA THR F 210 -17.12 16.58 35.06
C THR F 210 -18.33 17.46 35.37
N ALA F 211 -18.53 18.57 34.67
CA ALA F 211 -19.68 19.44 34.89
C ALA F 211 -20.29 19.77 33.54
N PHE F 212 -21.57 19.42 33.36
CA PHE F 212 -22.16 19.38 32.04
C PHE F 212 -23.54 20.01 32.04
N THR F 213 -23.97 20.45 30.87
CA THR F 213 -25.23 21.19 30.74
C THR F 213 -25.86 20.88 29.40
N LEU F 214 -27.02 20.24 29.42
CA LEU F 214 -27.88 20.17 28.25
C LEU F 214 -28.77 21.40 28.24
N THR F 215 -28.88 22.05 27.09
CA THR F 215 -29.71 23.23 26.94
C THR F 215 -30.73 22.98 25.85
N ILE F 216 -32.00 23.06 26.18
CA ILE F 216 -33.07 23.16 25.20
C ILE F 216 -33.45 24.61 25.13
N SER F 217 -33.72 25.10 23.92
CA SER F 217 -34.35 26.38 23.71
C SER F 217 -35.67 26.16 23.02
N ARG F 218 -36.70 26.87 23.49
CA ARG F 218 -38.10 26.81 23.05
C ARG F 218 -38.60 25.36 22.92
N LEU F 219 -38.75 24.74 24.09
CA LEU F 219 -39.34 23.39 24.18
C LEU F 219 -40.70 23.35 23.51
N GLU F 220 -40.99 22.23 22.86
CA GLU F 220 -42.19 22.07 22.06
C GLU F 220 -42.92 20.81 22.47
N ALA F 221 -44.08 20.61 21.86
CA ALA F 221 -44.85 19.40 22.10
C ALA F 221 -44.16 18.21 21.45
N GLU F 222 -44.46 17.02 21.99
CA GLU F 222 -43.84 15.73 21.64
C GLU F 222 -42.32 15.75 21.80
N ASP F 223 -41.80 16.60 22.68
CA ASP F 223 -40.38 16.67 23.01
C ASP F 223 -40.21 16.53 24.52
N VAL F 224 -41.18 15.89 25.16
CA VAL F 224 -41.23 15.77 26.61
C VAL F 224 -40.99 14.31 26.96
N GLY F 225 -39.93 14.07 27.72
CA GLY F 225 -39.58 12.71 28.08
C GLY F 225 -38.51 12.71 29.15
N VAL F 226 -37.81 11.60 29.23
CA VAL F 226 -36.75 11.43 30.20
C VAL F 226 -35.40 11.57 29.50
N TYR F 227 -34.53 12.39 30.05
CA TYR F 227 -33.21 12.64 29.49
C TYR F 227 -32.16 11.91 30.31
N TYR F 228 -31.15 11.38 29.64
CA TYR F 228 -30.08 10.65 30.28
C TYR F 228 -28.75 11.19 29.81
N CYS F 229 -27.77 11.20 30.70
CA CYS F 229 -26.39 11.48 30.34
C CYS F 229 -25.60 10.21 30.50
N MET F 230 -24.63 9.99 29.61
CA MET F 230 -23.84 8.77 29.63
C MET F 230 -22.38 9.13 29.40
N GLN F 231 -21.51 8.62 30.23
CA GLN F 231 -20.09 8.72 29.97
C GLN F 231 -19.66 7.57 29.06
N HIS F 232 -18.60 7.80 28.31
CA HIS F 232 -18.07 6.74 27.45
C HIS F 232 -16.55 6.74 27.47
N LEU F 233 -15.95 7.22 28.55
CA LEU F 233 -14.49 7.30 28.61
C LEU F 233 -13.87 5.94 28.91
N GLU F 234 -14.51 5.14 29.75
CA GLU F 234 -14.01 3.83 30.11
C GLU F 234 -15.17 2.86 30.19
N TYR F 235 -14.85 1.59 30.16
CA TYR F 235 -15.85 0.57 30.44
C TYR F 235 -15.84 0.21 31.92
N PRO F 236 -16.98 -0.07 32.57
CA PRO F 236 -18.36 -0.15 32.07
C PRO F 236 -19.00 1.20 31.82
N LEU F 237 -20.06 1.20 31.04
CA LEU F 237 -20.73 2.44 30.64
C LEU F 237 -21.85 2.74 31.61
N THR F 238 -21.62 3.67 32.52
CA THR F 238 -22.60 3.98 33.55
C THR F 238 -23.38 5.21 33.12
N PHE F 239 -24.70 5.09 33.09
CA PHE F 239 -25.53 6.20 32.62
C PHE F 239 -25.78 7.14 33.79
N GLY F 240 -26.74 8.03 33.61
CA GLY F 240 -27.29 8.80 34.70
C GLY F 240 -28.64 8.24 35.13
N ALA F 241 -29.19 8.85 36.17
CA ALA F 241 -30.46 8.37 36.73
C ALA F 241 -31.65 8.71 35.84
N GLY F 242 -31.67 9.89 35.24
CA GLY F 242 -32.76 10.27 34.36
C GLY F 242 -33.60 11.45 34.84
N THR F 243 -33.35 12.63 34.30
CA THR F 243 -34.14 13.82 34.60
C THR F 243 -35.35 13.86 33.69
N LYS F 244 -36.52 14.11 34.26
CA LYS F 244 -37.78 14.04 33.54
C LYS F 244 -38.39 15.42 33.39
N LEU F 245 -38.95 15.72 32.21
CA LEU F 245 -39.68 16.95 31.99
C LEU F 245 -41.17 16.70 32.19
N GLU F 246 -41.84 17.65 32.83
CA GLU F 246 -43.30 17.63 32.94
C GLU F 246 -43.85 19.04 32.78
N LEU F 247 -45.14 19.11 32.47
CA LEU F 247 -45.81 20.38 32.19
C LEU F 247 -46.47 20.93 33.44
#